data_8W87
#
_entry.id   8W87
#
_cell.length_a   1.00
_cell.length_b   1.00
_cell.length_c   1.00
_cell.angle_alpha   90.00
_cell.angle_beta   90.00
_cell.angle_gamma   90.00
#
_symmetry.space_group_name_H-M   'P 1'
#
loop_
_entity.id
_entity.type
_entity.pdbx_description
1 polymer 'Guanine nucleotide-binding protein G(s) subunit alpha isoforms short'
2 polymer 'Guanine nucleotide-binding protein G(I)/G(S)/G(T) subunit beta-1'
3 polymer 'Guanine nucleotide-binding protein G(I)/G(S)/G(O) subunit gamma-2'
4 polymer Nanobody35
5 polymer 'Trace amine-associated receptor 1'
6 non-polymer (2S)-N-methyl-1-phenylpropan-2-amine
#
loop_
_entity_poly.entity_id
_entity_poly.type
_entity_poly.pdbx_seq_one_letter_code
_entity_poly.pdbx_strand_id
1 'polypeptide(L)'
;GCTVSAEDKAAAERSKMIDKNLREDGEKAAAATHRLLLLGADNSGKSTIVKQMRIYHVNGYSEEECKQYKAVVYSNTIQS
IIAIIRAMGRLKIDFGDSARADDARQLFVLAGAAEEGFMTAELAGVIKRLWKDSGVQACFNRSREYQLNDSAAYYLNDLD
RIAQPNYIPTQQDVLRTRVKNSGIFETKFQVDKVNFHMFDVGAQRDERRKWIQCFNDVTAIIFVVDSSDYNRLQEALNDF
KSIWNNRWLRTISVILFLNKQDLLAEKVLAGKSKIEDYFPEFARYTTPEDATPEPGEDPRVTRAKYFIRDEFLRISTASG
DGRHYCYPHFTCSVDTENARRIFNDCRDIIQRMHLRQYELL
;
A
2 'polypeptide(L)'
;MGSLLQSELDQLRQEAEQLKNQIRDARKACADATLSQITNNIDPVGRIQMRTRRTLRGHLAKIYAMHWGTDSRLLVSASQ
DGKLIIWDSYTTNKVHAIPLRSSWVMTCAYAPSGNYVACGGLDNICSIYNLKTREGNVRVSRELAGHTGYLSCCRFLDDN
QIVTSSGDTTCALWDIETGQQTTTFTGHTGDVMSLSLAPDTRLFVSGACDASAKLWDVREGMCRQTFTGHESDINAICFF
PNGNAFATGSDDATCRLFDLRADQELMTYSHDNIICGITSVSFSKSGRLLLAGYDDFNCNVWDALKADRAGVLAGHDNRV
SCLGVTDDGMAVATGSWDSFLKIWN
;
B
3 'polypeptide(L)' MASNNTASIAQARKLVEQLKMEANIDRIKVSKAAADLMAYCEAHAKEDPLLTPVPASENPFREKKFFCAIL G
4 'polypeptide(L)'
;MQVQLQESGGGLVQPGGSLRLSCAASGFTFSNYKMNWVRQAPGKGLEWVSDISQSGASISYTGSVKGRFTISRDNAKNTL
YLQMNSLKPEDTAVYYCARCPAPFTRDCFDVTSTTYAYRGQGTQVTVSSHHHHHHEPEA
;
N
5 'polypeptide(L)'
;MMPFCHNIINISCVKNNWSNDVRASLYSLMVLIILTTLVGNLIVIVSISHFKQLHTPTNWLIHSMATVDFLLGCLVMPYS
MVRSAEHCWYFGEVFCKIHTSTDIMLSSASIFHLSFISIDRYYAVCDPLRYKAKMNILVICVMIFISWSVPAVFAFGMIF
LELNFKGAEEIYYKHVHCRGGCSVFFSKISGVLTFMTSFYIPGSIMLCVYYRIYLIAKEQARLISDANQKLQIGLEMKNG
ISQSKERKAVKTLGIVMGVFLICWCPFFICTVMDPFLHYIIPPTLNDVLIWFGYLNSTFNPMVYAFFYPWFRKALKMMLF
GKIFQKDSSRCKLFLELSS
;
R
#
# COMPACT_ATOMS: atom_id res chain seq x y z
N VAL A 4 -3.54 38.46 2.12
CA VAL A 4 -3.48 39.96 2.06
C VAL A 4 -4.84 40.55 2.40
N SER A 5 -5.80 40.40 1.49
CA SER A 5 -7.11 40.99 1.69
C SER A 5 -7.83 40.32 2.86
N ALA A 6 -9.00 40.85 3.21
CA ALA A 6 -9.79 40.26 4.27
C ALA A 6 -10.25 38.86 3.91
N GLU A 7 -10.69 38.66 2.65
CA GLU A 7 -11.15 37.34 2.24
C GLU A 7 -10.01 36.33 2.24
N ASP A 8 -8.84 36.72 1.76
CA ASP A 8 -7.70 35.81 1.76
C ASP A 8 -7.28 35.47 3.18
N LYS A 9 -7.29 36.46 4.07
CA LYS A 9 -6.94 36.20 5.47
C LYS A 9 -7.95 35.26 6.11
N ALA A 10 -9.24 35.45 5.83
CA ALA A 10 -10.27 34.57 6.38
C ALA A 10 -10.08 33.15 5.86
N ALA A 11 -9.77 33.01 4.57
CA ALA A 11 -9.53 31.68 4.00
C ALA A 11 -8.34 31.01 4.67
N ALA A 12 -7.25 31.77 4.88
CA ALA A 12 -6.08 31.21 5.54
C ALA A 12 -6.40 30.79 6.97
N GLU A 13 -7.19 31.61 7.68
CA GLU A 13 -7.55 31.27 9.05
C GLU A 13 -8.42 30.01 9.10
N ARG A 14 -9.36 29.88 8.16
CA ARG A 14 -10.18 28.68 8.11
C ARG A 14 -9.32 27.46 7.80
N SER A 15 -8.36 27.60 6.89
CA SER A 15 -7.44 26.51 6.60
C SER A 15 -6.64 26.12 7.84
N LYS A 16 -6.21 27.11 8.62
CA LYS A 16 -5.46 26.83 9.84
C LYS A 16 -6.32 26.08 10.86
N MET A 17 -7.58 26.48 10.99
CA MET A 17 -8.48 25.75 11.90
C MET A 17 -8.68 24.32 11.43
N ILE A 18 -8.85 24.13 10.12
CA ILE A 18 -8.99 22.78 9.57
C ILE A 18 -7.75 21.96 9.86
N ASP A 19 -6.57 22.57 9.69
CA ASP A 19 -5.32 21.87 9.98
C ASP A 19 -5.20 21.51 11.45
N LYS A 20 -5.67 22.40 12.33
CA LYS A 20 -5.63 22.09 13.75
C LYS A 20 -6.51 20.90 14.08
N ASN A 21 -7.72 20.86 13.51
CA ASN A 21 -8.59 19.71 13.73
C ASN A 21 -7.99 18.44 13.14
N LEU A 22 -7.35 18.54 11.97
CA LEU A 22 -6.69 17.39 11.39
C LEU A 22 -5.55 16.90 12.26
N ARG A 23 -4.80 17.81 12.88
CA ARG A 23 -3.75 17.42 13.80
C ARG A 23 -4.32 16.69 15.00
N GLU A 24 -5.45 17.18 15.53
CA GLU A 24 -6.10 16.49 16.64
C GLU A 24 -6.54 15.09 16.22
N ASP A 25 -7.07 14.96 15.01
CA ASP A 25 -7.55 13.66 14.54
C ASP A 25 -6.42 12.70 14.22
N GLY A 26 -5.26 13.20 13.79
CA GLY A 26 -4.17 12.33 13.42
C GLY A 26 -3.58 11.53 14.56
N GLU A 27 -3.90 11.90 15.80
CA GLU A 27 -3.40 11.18 16.97
C GLU A 27 -4.41 10.18 17.50
N LYS A 28 -5.63 10.65 17.79
CA LYS A 28 -6.69 9.78 18.28
C LYS A 28 -7.47 9.22 17.11
N ALA A 29 -7.63 7.90 17.09
CA ALA A 29 -8.41 7.18 16.08
C ALA A 29 -7.70 7.10 14.74
N ALA A 30 -6.48 7.63 14.64
CA ALA A 30 -5.72 7.54 13.39
C ALA A 30 -4.42 6.81 13.58
N ALA A 31 -3.65 7.19 14.61
CA ALA A 31 -2.32 6.61 14.84
C ALA A 31 -2.23 5.82 16.13
N ALA A 32 -3.11 6.09 17.09
CA ALA A 32 -3.11 5.37 18.35
C ALA A 32 -3.99 4.13 18.33
N THR A 33 -4.71 3.87 17.25
CA THR A 33 -5.60 2.73 17.14
C THR A 33 -5.10 1.81 16.04
N HIS A 34 -5.33 0.51 16.22
CA HIS A 34 -4.91 -0.52 15.27
C HIS A 34 -6.13 -1.12 14.62
N ARG A 35 -6.09 -1.23 13.30
CA ARG A 35 -7.21 -1.75 12.52
C ARG A 35 -6.95 -3.20 12.14
N LEU A 36 -7.98 -4.03 12.27
CA LEU A 36 -7.90 -5.45 11.96
C LEU A 36 -9.02 -5.81 11.00
N LEU A 37 -8.73 -6.74 10.09
CA LEU A 37 -9.73 -7.28 9.17
C LEU A 37 -10.06 -8.70 9.60
N LEU A 38 -11.34 -8.97 9.80
CA LEU A 38 -11.82 -10.28 10.25
C LEU A 38 -12.39 -11.03 9.05
N LEU A 39 -11.77 -12.16 8.72
CA LEU A 39 -12.18 -12.97 7.58
C LEU A 39 -12.61 -14.35 8.06
N GLY A 40 -13.53 -14.95 7.30
CA GLY A 40 -14.04 -16.26 7.64
C GLY A 40 -15.14 -16.69 6.69
N ALA A 41 -15.40 -18.00 6.64
CA ALA A 41 -16.42 -18.52 5.75
C ALA A 41 -17.77 -18.58 6.45
N ASP A 42 -18.78 -19.06 5.72
CA ASP A 42 -20.12 -19.15 6.29
C ASP A 42 -20.16 -20.09 7.47
N ASN A 43 -19.51 -21.26 7.35
CA ASN A 43 -19.50 -22.22 8.44
C ASN A 43 -18.64 -21.78 9.61
N SER A 44 -17.73 -20.84 9.39
CA SER A 44 -16.86 -20.38 10.46
C SER A 44 -17.68 -19.78 11.60
N GLY A 45 -17.01 -19.56 12.73
CA GLY A 45 -17.66 -18.98 13.88
C GLY A 45 -17.20 -17.57 14.19
N LYS A 46 -16.85 -16.81 13.15
CA LYS A 46 -16.32 -15.47 13.37
C LYS A 46 -17.32 -14.58 14.11
N SER A 47 -18.62 -14.88 13.99
CA SER A 47 -19.60 -14.15 14.78
C SER A 47 -19.39 -14.37 16.27
N THR A 48 -19.07 -15.60 16.66
CA THR A 48 -18.77 -15.85 18.07
C THR A 48 -17.47 -15.17 18.49
N ILE A 49 -16.50 -15.06 17.58
CA ILE A 49 -15.30 -14.31 17.88
C ILE A 49 -15.63 -12.85 18.16
N VAL A 50 -16.51 -12.28 17.33
CA VAL A 50 -16.94 -10.89 17.53
C VAL A 50 -17.64 -10.75 18.88
N LYS A 51 -18.53 -11.70 19.20
CA LYS A 51 -19.23 -11.65 20.49
C LYS A 51 -18.25 -11.71 21.64
N GLN A 52 -17.25 -12.58 21.56
CA GLN A 52 -16.25 -12.69 22.62
C GLN A 52 -15.46 -11.39 22.76
N MET A 53 -15.09 -10.77 21.64
CA MET A 53 -14.32 -9.53 21.69
C MET A 53 -15.16 -8.33 22.12
N ARG A 54 -16.48 -8.41 22.00
CA ARG A 54 -17.33 -7.28 22.36
C ARG A 54 -17.22 -6.94 23.84
N ILE A 55 -16.96 -7.94 24.68
CA ILE A 55 -16.93 -7.70 26.13
C ILE A 55 -15.71 -6.89 26.55
N TYR A 56 -14.71 -6.77 25.68
CA TYR A 56 -13.51 -5.99 26.01
C TYR A 56 -13.64 -4.56 25.52
N ASN A 181 -28.41 -2.24 7.31
CA ASN A 181 -28.86 -3.46 6.67
C ASN A 181 -27.93 -3.88 5.54
N SER A 182 -26.69 -3.38 5.57
CA SER A 182 -25.73 -3.71 4.53
C SER A 182 -24.40 -3.05 4.86
N GLY A 183 -23.37 -3.44 4.11
CA GLY A 183 -22.09 -2.76 4.16
C GLY A 183 -21.00 -3.52 4.90
N ILE A 184 -20.38 -2.85 5.86
CA ILE A 184 -19.30 -3.40 6.66
C ILE A 184 -19.62 -3.18 8.12
N PHE A 185 -19.15 -4.11 8.96
CA PHE A 185 -19.39 -4.06 10.40
C PHE A 185 -18.07 -3.76 11.11
N GLU A 186 -18.11 -2.87 12.09
CA GLU A 186 -16.94 -2.50 12.87
C GLU A 186 -17.16 -2.88 14.33
N THR A 187 -16.13 -3.44 14.96
CA THR A 187 -16.14 -3.78 16.38
C THR A 187 -14.96 -3.07 17.04
N LYS A 188 -15.24 -2.32 18.09
CA LYS A 188 -14.22 -1.60 18.84
C LYS A 188 -14.04 -2.26 20.20
N PHE A 189 -12.80 -2.58 20.55
CA PHE A 189 -12.49 -3.17 21.83
C PHE A 189 -11.12 -2.69 22.28
N GLN A 190 -10.86 -2.83 23.58
CA GLN A 190 -9.64 -2.32 24.20
C GLN A 190 -8.96 -3.41 25.01
N VAL A 191 -7.65 -3.51 24.87
CA VAL A 191 -6.82 -4.36 25.70
C VAL A 191 -5.62 -3.55 26.16
N ASP A 192 -5.44 -3.44 27.47
CA ASP A 192 -4.36 -2.63 28.05
C ASP A 192 -4.38 -1.21 27.49
N LYS A 193 -5.59 -0.65 27.37
CA LYS A 193 -5.78 0.73 26.97
C LYS A 193 -5.31 0.98 25.53
N VAL A 194 -5.13 -0.09 24.76
CA VAL A 194 -4.84 0.04 23.34
C VAL A 194 -6.12 -0.18 22.55
N ASN A 195 -6.39 0.70 21.59
CA ASN A 195 -7.66 0.73 20.87
C ASN A 195 -7.54 -0.09 19.59
N PHE A 196 -8.42 -1.08 19.44
CA PHE A 196 -8.48 -1.92 18.26
C PHE A 196 -9.81 -1.75 17.55
N HIS A 197 -9.75 -1.56 16.24
CA HIS A 197 -10.94 -1.53 15.40
C HIS A 197 -10.91 -2.75 14.49
N MET A 198 -11.86 -3.66 14.68
CA MET A 198 -11.94 -4.90 13.92
C MET A 198 -13.12 -4.79 12.96
N PHE A 199 -12.86 -5.02 11.68
CA PHE A 199 -13.85 -4.82 10.62
C PHE A 199 -14.26 -6.16 10.03
N ASP A 200 -15.56 -6.37 9.90
CA ASP A 200 -16.12 -7.57 9.31
C ASP A 200 -17.03 -7.18 8.15
N VAL A 201 -16.80 -7.75 6.98
CA VAL A 201 -17.58 -7.40 5.81
C VAL A 201 -18.98 -8.01 5.93
N GLY A 202 -19.99 -7.21 5.61
CA GLY A 202 -21.36 -7.65 5.70
C GLY A 202 -21.95 -8.02 4.35
N ALA A 203 -22.80 -7.14 3.81
CA ALA A 203 -23.49 -7.43 2.56
C ALA A 203 -22.58 -7.19 1.37
N GLN A 204 -21.65 -8.11 1.14
CA GLN A 204 -20.76 -8.08 -0.03
C GLN A 204 -20.96 -9.35 -0.83
N ARG A 205 -20.70 -9.27 -2.13
CA ARG A 205 -20.80 -10.45 -2.98
C ARG A 205 -19.65 -11.41 -2.67
N ASP A 206 -19.65 -12.55 -3.38
CA ASP A 206 -18.67 -13.59 -3.15
C ASP A 206 -17.34 -13.33 -3.86
N GLU A 207 -17.24 -12.28 -4.66
CA GLU A 207 -16.01 -11.93 -5.36
C GLU A 207 -15.31 -10.82 -4.58
N ARG A 208 -14.08 -11.09 -4.13
CA ARG A 208 -13.40 -10.23 -3.18
C ARG A 208 -12.06 -9.69 -3.68
N ARG A 209 -11.72 -9.88 -4.96
CA ARG A 209 -10.41 -9.45 -5.43
C ARG A 209 -10.31 -7.93 -5.54
N LYS A 210 -11.41 -7.21 -5.38
CA LYS A 210 -11.39 -5.75 -5.51
C LYS A 210 -11.52 -5.05 -4.16
N TRP A 211 -12.53 -5.42 -3.37
CA TRP A 211 -12.75 -4.72 -2.10
C TRP A 211 -11.75 -5.14 -1.05
N ILE A 212 -11.00 -6.22 -1.28
CA ILE A 212 -10.01 -6.64 -0.30
C ILE A 212 -8.72 -5.84 -0.42
N GLN A 213 -8.59 -5.03 -1.48
CA GLN A 213 -7.45 -4.14 -1.59
C GLN A 213 -7.54 -2.98 -0.60
N CYS A 214 -8.75 -2.65 -0.14
CA CYS A 214 -8.93 -1.55 0.80
C CYS A 214 -8.17 -1.81 2.10
N PHE A 215 -7.94 -3.07 2.44
CA PHE A 215 -7.31 -3.46 3.69
C PHE A 215 -5.84 -3.78 3.53
N ASN A 216 -5.14 -3.06 2.65
CA ASN A 216 -3.73 -3.33 2.41
C ASN A 216 -2.82 -2.76 3.49
N ASP A 217 -3.36 -2.02 4.45
CA ASP A 217 -2.55 -1.37 5.48
C ASP A 217 -2.96 -1.75 6.90
N VAL A 218 -3.93 -2.64 7.07
CA VAL A 218 -4.30 -3.08 8.41
C VAL A 218 -3.10 -3.75 9.06
N THR A 219 -3.08 -3.70 10.40
CA THR A 219 -1.96 -4.29 11.13
C THR A 219 -1.95 -5.81 10.98
N ALA A 220 -3.12 -6.43 11.00
CA ALA A 220 -3.21 -7.88 10.90
C ALA A 220 -4.57 -8.26 10.35
N ILE A 221 -4.66 -9.50 9.86
CA ILE A 221 -5.92 -10.09 9.40
C ILE A 221 -6.26 -11.26 10.30
N ILE A 222 -7.44 -11.21 10.92
CA ILE A 222 -7.94 -12.32 11.71
C ILE A 222 -8.64 -13.27 10.75
N PHE A 223 -8.13 -14.49 10.64
CA PHE A 223 -8.66 -15.51 9.74
C PHE A 223 -9.19 -16.65 10.59
N VAL A 224 -10.51 -16.82 10.60
CA VAL A 224 -11.18 -17.82 11.42
C VAL A 224 -11.55 -18.99 10.51
N VAL A 225 -11.26 -20.21 10.99
CA VAL A 225 -11.44 -21.42 10.21
C VAL A 225 -12.27 -22.41 11.02
N ASP A 226 -13.19 -23.09 10.35
CA ASP A 226 -13.95 -24.18 10.96
C ASP A 226 -13.13 -25.44 10.85
N SER A 227 -12.30 -25.71 11.87
CA SER A 227 -11.39 -26.84 11.80
C SER A 227 -12.11 -28.18 11.89
N SER A 228 -13.35 -28.21 12.39
CA SER A 228 -14.09 -29.45 12.51
C SER A 228 -14.75 -29.87 11.20
N ASP A 229 -14.76 -29.01 10.19
CA ASP A 229 -15.37 -29.33 8.90
C ASP A 229 -14.29 -29.75 7.91
N TYR A 230 -14.10 -31.06 7.81
CA TYR A 230 -13.09 -31.61 6.90
C TYR A 230 -13.43 -31.28 5.46
N ASN A 231 -14.71 -31.36 5.09
CA ASN A 231 -15.11 -31.19 3.71
C ASN A 231 -14.74 -29.82 3.15
N ARG A 232 -14.67 -28.80 3.99
CA ARG A 232 -14.39 -27.44 3.56
C ARG A 232 -13.01 -26.95 4.01
N LEU A 233 -12.19 -27.84 4.56
CA LEU A 233 -10.83 -27.45 4.95
C LEU A 233 -10.02 -27.04 3.73
N GLN A 234 -10.21 -27.73 2.60
CA GLN A 234 -9.48 -27.34 1.39
C GLN A 234 -9.93 -25.97 0.90
N GLU A 235 -11.23 -25.67 0.99
CA GLU A 235 -11.71 -24.35 0.63
C GLU A 235 -11.09 -23.28 1.52
N ALA A 236 -11.04 -23.55 2.82
CA ALA A 236 -10.41 -22.62 3.75
C ALA A 236 -8.92 -22.45 3.42
N LEU A 237 -8.25 -23.53 3.07
CA LEU A 237 -6.83 -23.45 2.73
C LEU A 237 -6.61 -22.62 1.48
N ASN A 238 -7.47 -22.78 0.47
CA ASN A 238 -7.34 -21.97 -0.74
C ASN A 238 -7.61 -20.50 -0.43
N ASP A 239 -8.61 -20.22 0.40
CA ASP A 239 -8.86 -18.86 0.84
C ASP A 239 -7.60 -18.26 1.49
N PHE A 240 -7.01 -19.01 2.41
CA PHE A 240 -5.83 -18.54 3.11
C PHE A 240 -4.67 -18.33 2.15
N LYS A 241 -4.49 -19.25 1.19
CA LYS A 241 -3.38 -19.12 0.24
C LYS A 241 -3.55 -17.89 -0.63
N SER A 242 -4.77 -17.64 -1.11
CA SER A 242 -5.03 -16.44 -1.91
C SER A 242 -4.79 -15.18 -1.09
N ILE A 243 -5.23 -15.18 0.16
CA ILE A 243 -4.99 -14.03 1.03
C ILE A 243 -3.50 -13.81 1.22
N TRP A 244 -2.77 -14.89 1.48
CA TRP A 244 -1.34 -14.80 1.77
C TRP A 244 -0.55 -14.30 0.57
N ASN A 245 -0.86 -14.78 -0.63
CA ASN A 245 -0.06 -14.49 -1.80
C ASN A 245 -0.53 -13.28 -2.60
N ASN A 246 -1.53 -12.54 -2.10
CA ASN A 246 -2.00 -11.36 -2.81
C ASN A 246 -0.92 -10.28 -2.81
N ARG A 247 -0.83 -9.54 -3.91
CA ARG A 247 0.20 -8.51 -4.03
C ARG A 247 0.01 -7.41 -3.00
N TRP A 248 -1.23 -7.01 -2.75
CA TRP A 248 -1.51 -5.88 -1.86
C TRP A 248 -1.63 -6.30 -0.41
N LEU A 249 -1.79 -7.59 -0.13
CA LEU A 249 -1.72 -8.13 1.22
C LEU A 249 -0.39 -8.82 1.47
N ARG A 250 0.67 -8.36 0.81
CA ARG A 250 1.96 -9.06 0.80
C ARG A 250 2.75 -8.77 2.07
N THR A 251 2.30 -7.79 2.86
CA THR A 251 3.01 -7.39 4.07
C THR A 251 2.14 -7.48 5.32
N ILE A 252 0.96 -8.09 5.23
CA ILE A 252 0.00 -8.12 6.32
C ILE A 252 0.08 -9.49 6.98
N SER A 253 0.37 -9.51 8.28
CA SER A 253 0.38 -10.75 9.02
C SER A 253 -1.04 -11.25 9.25
N VAL A 254 -1.19 -12.57 9.32
CA VAL A 254 -2.47 -13.22 9.50
C VAL A 254 -2.50 -13.87 10.86
N ILE A 255 -3.51 -13.53 11.66
CA ILE A 255 -3.75 -14.20 12.94
C ILE A 255 -4.78 -15.29 12.67
N LEU A 256 -4.36 -16.54 12.74
CA LEU A 256 -5.16 -17.67 12.30
C LEU A 256 -5.83 -18.29 13.52
N PHE A 257 -7.17 -18.27 13.54
CA PHE A 257 -7.96 -18.89 14.59
C PHE A 257 -8.55 -20.18 14.03
N LEU A 258 -8.05 -21.32 14.52
CA LEU A 258 -8.59 -22.63 14.14
C LEU A 258 -9.77 -22.92 15.06
N ASN A 259 -10.91 -22.33 14.73
CA ASN A 259 -12.08 -22.34 15.59
C ASN A 259 -12.72 -23.72 15.61
N LYS A 260 -13.69 -23.89 16.51
CA LYS A 260 -14.48 -25.12 16.61
C LYS A 260 -13.62 -26.30 17.05
N GLN A 261 -12.80 -26.10 18.08
CA GLN A 261 -11.92 -27.18 18.54
C GLN A 261 -12.71 -28.27 19.25
N ASP A 262 -13.74 -27.92 20.01
CA ASP A 262 -14.54 -28.93 20.69
C ASP A 262 -15.24 -29.84 19.69
N LEU A 263 -15.81 -29.24 18.63
CA LEU A 263 -16.45 -30.05 17.60
C LEU A 263 -15.43 -30.94 16.90
N LEU A 264 -14.23 -30.42 16.66
CA LEU A 264 -13.18 -31.24 16.08
C LEU A 264 -12.85 -32.43 16.96
N ALA A 265 -12.78 -32.20 18.28
CA ALA A 265 -12.49 -33.28 19.22
C ALA A 265 -13.58 -34.33 19.17
N GLU A 266 -14.85 -33.90 19.17
CA GLU A 266 -15.95 -34.86 19.12
C GLU A 266 -15.89 -35.66 17.82
N LYS A 267 -15.66 -34.99 16.70
CA LYS A 267 -15.60 -35.69 15.42
C LYS A 267 -14.47 -36.69 15.39
N VAL A 268 -13.30 -36.32 15.90
CA VAL A 268 -12.15 -37.24 15.90
C VAL A 268 -12.45 -38.44 16.79
N LEU A 269 -13.01 -38.20 17.98
CA LEU A 269 -13.29 -39.29 18.90
C LEU A 269 -14.34 -40.24 18.32
N ALA A 270 -15.35 -39.70 17.64
CA ALA A 270 -16.39 -40.55 17.09
C ALA A 270 -15.82 -41.52 16.08
N GLY A 271 -14.93 -41.05 15.22
CA GLY A 271 -14.31 -41.90 14.22
C GLY A 271 -15.16 -42.20 13.00
N LYS A 272 -16.37 -41.64 12.92
CA LYS A 272 -17.23 -41.91 11.77
C LYS A 272 -16.70 -41.22 10.52
N SER A 273 -16.06 -40.07 10.66
CA SER A 273 -15.51 -39.31 9.54
C SER A 273 -14.02 -39.60 9.44
N LYS A 274 -13.60 -40.09 8.29
CA LYS A 274 -12.20 -40.46 8.05
C LYS A 274 -11.48 -39.23 7.49
N ILE A 275 -10.71 -38.57 8.35
CA ILE A 275 -10.06 -37.31 7.96
C ILE A 275 -9.05 -37.54 6.85
N GLU A 276 -8.34 -38.68 6.88
CA GLU A 276 -7.34 -38.97 5.86
C GLU A 276 -7.95 -39.18 4.48
N ASP A 277 -9.26 -39.37 4.38
CA ASP A 277 -9.89 -39.50 3.08
C ASP A 277 -9.93 -38.16 2.34
N TYR A 278 -9.94 -37.05 3.09
CA TYR A 278 -9.84 -35.73 2.48
C TYR A 278 -8.38 -35.31 2.29
N PHE A 279 -7.52 -35.64 3.26
CA PHE A 279 -6.09 -35.33 3.21
C PHE A 279 -5.32 -36.63 3.39
N PRO A 280 -4.97 -37.31 2.30
CA PRO A 280 -4.26 -38.59 2.46
C PRO A 280 -2.94 -38.47 3.21
N GLU A 281 -2.30 -37.30 3.19
CA GLU A 281 -1.03 -37.14 3.90
C GLU A 281 -1.20 -37.38 5.39
N PHE A 282 -2.41 -37.24 5.92
CA PHE A 282 -2.65 -37.46 7.34
C PHE A 282 -2.33 -38.89 7.76
N ALA A 283 -2.42 -39.84 6.84
CA ALA A 283 -2.10 -41.23 7.19
C ALA A 283 -0.62 -41.41 7.51
N ARG A 284 0.23 -40.47 7.09
CA ARG A 284 1.65 -40.51 7.35
C ARG A 284 2.10 -39.48 8.37
N TYR A 285 1.28 -38.46 8.62
CA TYR A 285 1.66 -37.37 9.50
C TYR A 285 1.79 -37.85 10.94
N THR A 286 2.85 -37.40 11.61
CA THR A 286 3.09 -37.70 13.01
C THR A 286 3.09 -36.40 13.82
N THR A 287 2.53 -36.44 15.01
CA THR A 287 2.36 -35.24 15.80
C THR A 287 3.73 -34.62 16.09
N PRO A 288 3.86 -33.29 16.02
CA PRO A 288 5.17 -32.68 16.28
C PRO A 288 5.63 -32.93 17.70
N GLU A 289 6.95 -33.01 17.87
CA GLU A 289 7.52 -33.25 19.20
C GLU A 289 7.20 -32.10 20.15
N ASP A 290 7.27 -30.87 19.67
CA ASP A 290 7.03 -29.70 20.51
C ASP A 290 5.54 -29.37 20.65
N ALA A 291 4.67 -30.15 20.03
CA ALA A 291 3.22 -29.91 20.11
C ALA A 291 2.78 -30.11 21.55
N THR A 292 2.41 -29.02 22.21
CA THR A 292 1.94 -29.08 23.58
C THR A 292 0.44 -29.38 23.60
N PRO A 293 0.00 -30.53 24.12
CA PRO A 293 -1.43 -30.83 24.15
C PRO A 293 -2.09 -30.38 25.46
N GLU A 294 -3.43 -30.38 25.43
CA GLU A 294 -4.17 -30.09 26.64
C GLU A 294 -4.05 -31.26 27.61
N PRO A 295 -4.28 -31.03 28.91
CA PRO A 295 -4.14 -32.12 29.88
C PRO A 295 -5.02 -33.32 29.57
N GLY A 296 -6.24 -33.09 29.11
CA GLY A 296 -7.18 -34.16 28.79
C GLY A 296 -7.31 -34.46 27.32
N GLU A 297 -6.39 -34.00 26.48
CA GLU A 297 -6.51 -34.20 25.05
C GLU A 297 -6.17 -35.65 24.69
N ASP A 298 -7.03 -36.27 23.90
CA ASP A 298 -6.70 -37.57 23.34
C ASP A 298 -5.60 -37.43 22.29
N PRO A 299 -4.69 -38.39 22.19
CA PRO A 299 -3.61 -38.25 21.19
C PRO A 299 -4.11 -38.06 19.78
N ARG A 300 -5.22 -38.71 19.42
CA ARG A 300 -5.77 -38.53 18.07
C ARG A 300 -6.22 -37.10 17.85
N VAL A 301 -6.86 -36.49 18.86
CA VAL A 301 -7.29 -35.10 18.74
C VAL A 301 -6.10 -34.19 18.51
N THR A 302 -5.03 -34.39 19.29
CA THR A 302 -3.83 -33.60 19.11
C THR A 302 -3.26 -33.77 17.71
N ARG A 303 -3.18 -35.01 17.23
CA ARG A 303 -2.63 -35.25 15.91
C ARG A 303 -3.44 -34.54 14.84
N ALA A 304 -4.77 -34.64 14.93
CA ALA A 304 -5.63 -34.03 13.91
C ALA A 304 -5.51 -32.51 13.93
N LYS A 305 -5.63 -31.91 15.11
CA LYS A 305 -5.60 -30.45 15.19
C LYS A 305 -4.23 -29.92 14.73
N TYR A 306 -3.15 -30.60 15.12
CA TYR A 306 -1.83 -30.12 14.71
C TYR A 306 -1.58 -30.40 13.23
N PHE A 307 -2.19 -31.44 12.67
CA PHE A 307 -2.11 -31.65 11.24
C PHE A 307 -2.77 -30.50 10.49
N ILE A 308 -3.94 -30.06 10.95
CA ILE A 308 -4.61 -28.93 10.31
C ILE A 308 -3.78 -27.67 10.44
N ARG A 309 -3.24 -27.43 11.64
CA ARG A 309 -2.43 -26.25 11.86
C ARG A 309 -1.21 -26.25 10.95
N ASP A 310 -0.55 -27.41 10.81
CA ASP A 310 0.62 -27.50 9.94
C ASP A 310 0.24 -27.41 8.47
N GLU A 311 -0.96 -27.86 8.10
CA GLU A 311 -1.43 -27.66 6.74
C GLU A 311 -1.53 -26.18 6.41
N PHE A 312 -2.02 -25.38 7.37
CA PHE A 312 -2.04 -23.94 7.15
C PHE A 312 -0.64 -23.34 7.18
N LEU A 313 0.21 -23.82 8.09
CA LEU A 313 1.54 -23.25 8.24
C LEU A 313 2.44 -23.56 7.06
N ARG A 314 2.22 -24.66 6.36
CA ARG A 314 2.99 -24.95 5.15
C ARG A 314 2.74 -23.88 4.10
N ILE A 315 1.47 -23.51 3.90
CA ILE A 315 1.16 -22.39 3.00
C ILE A 315 1.78 -21.12 3.53
N SER A 316 1.72 -20.90 4.85
CA SER A 316 2.25 -19.66 5.42
C SER A 316 3.73 -19.52 5.13
N THR A 317 4.51 -20.60 5.29
CA THR A 317 5.96 -20.50 5.19
C THR A 317 6.48 -20.72 3.78
N ALA A 318 5.73 -21.40 2.91
CA ALA A 318 6.23 -21.69 1.57
C ALA A 318 6.41 -20.43 0.74
N SER A 319 5.81 -19.31 1.14
CA SER A 319 5.90 -18.09 0.36
C SER A 319 6.24 -16.86 1.19
N GLY A 320 6.57 -17.01 2.47
CA GLY A 320 6.88 -15.87 3.31
C GLY A 320 8.33 -15.42 3.17
N ASP A 321 8.52 -14.21 2.66
CA ASP A 321 9.85 -13.62 2.54
C ASP A 321 10.30 -12.90 3.81
N GLY A 322 9.69 -13.21 4.96
CA GLY A 322 9.99 -12.54 6.21
C GLY A 322 9.25 -11.24 6.40
N ARG A 323 8.47 -10.79 5.41
CA ARG A 323 7.73 -9.53 5.54
C ARG A 323 6.49 -9.68 6.41
N HIS A 324 5.94 -10.89 6.51
CA HIS A 324 4.76 -11.12 7.34
C HIS A 324 4.77 -12.57 7.81
N TYR A 325 4.00 -12.83 8.86
CA TYR A 325 4.00 -14.13 9.52
C TYR A 325 2.58 -14.53 9.86
N CYS A 326 2.41 -15.80 10.19
CA CYS A 326 1.12 -16.35 10.58
C CYS A 326 1.19 -16.86 12.01
N TYR A 327 0.15 -16.57 12.80
CA TYR A 327 0.11 -16.90 14.23
C TYR A 327 -1.08 -17.80 14.50
N PRO A 328 -0.89 -19.12 14.52
CA PRO A 328 -2.04 -20.02 14.74
C PRO A 328 -2.46 -20.05 16.21
N HIS A 329 -3.76 -20.20 16.41
CA HIS A 329 -4.34 -20.37 17.74
C HIS A 329 -5.51 -21.34 17.67
N PHE A 330 -5.61 -22.21 18.67
CA PHE A 330 -6.77 -23.07 18.82
C PHE A 330 -7.78 -22.38 19.73
N THR A 331 -8.99 -22.18 19.20
CA THR A 331 -10.00 -21.41 19.91
C THR A 331 -11.33 -22.15 19.90
N CYS A 332 -12.25 -21.70 20.75
CA CYS A 332 -13.59 -22.25 20.85
C CYS A 332 -14.59 -21.11 20.92
N SER A 333 -15.87 -21.46 20.98
CA SER A 333 -16.91 -20.46 21.14
C SER A 333 -16.97 -19.93 22.57
N VAL A 334 -16.58 -20.76 23.55
CA VAL A 334 -16.58 -20.32 24.94
C VAL A 334 -15.28 -19.67 25.36
N ASP A 335 -14.27 -19.66 24.50
CA ASP A 335 -12.97 -19.11 24.85
C ASP A 335 -13.07 -17.61 25.10
N THR A 336 -12.40 -17.14 26.16
CA THR A 336 -12.41 -15.73 26.52
C THR A 336 -11.07 -15.05 26.25
N GLU A 337 -10.06 -15.79 25.79
CA GLU A 337 -8.73 -15.24 25.65
C GLU A 337 -8.46 -14.64 24.27
N ASN A 338 -9.45 -14.63 23.39
CA ASN A 338 -9.19 -14.21 22.00
C ASN A 338 -8.71 -12.77 21.93
N ALA A 339 -9.28 -11.88 22.74
CA ALA A 339 -8.84 -10.49 22.72
C ALA A 339 -7.38 -10.37 23.13
N ARG A 340 -6.98 -11.10 24.17
CA ARG A 340 -5.58 -11.07 24.59
C ARG A 340 -4.67 -11.69 23.55
N ARG A 341 -5.13 -12.77 22.90
CA ARG A 341 -4.37 -13.34 21.79
C ARG A 341 -4.12 -12.31 20.71
N ILE A 342 -5.17 -11.58 20.33
CA ILE A 342 -5.03 -10.58 19.27
C ILE A 342 -4.08 -9.48 19.70
N PHE A 343 -4.21 -9.03 20.96
CA PHE A 343 -3.32 -7.98 21.47
C PHE A 343 -1.86 -8.43 21.39
N ASN A 344 -1.56 -9.62 21.91
CA ASN A 344 -0.19 -10.11 21.91
C ASN A 344 0.33 -10.30 20.50
N ASP A 345 -0.51 -10.81 19.60
CA ASP A 345 -0.05 -11.06 18.24
C ASP A 345 0.20 -9.76 17.48
N CYS A 346 -0.64 -8.75 17.70
CA CYS A 346 -0.38 -7.45 17.09
C CYS A 346 0.90 -6.84 17.64
N ARG A 347 1.13 -6.99 18.96
CA ARG A 347 2.38 -6.52 19.53
C ARG A 347 3.57 -7.20 18.86
N ASP A 348 3.51 -8.52 18.71
CA ASP A 348 4.60 -9.24 18.08
C ASP A 348 4.80 -8.82 16.64
N ILE A 349 3.69 -8.62 15.91
CA ILE A 349 3.77 -8.23 14.51
C ILE A 349 4.48 -6.88 14.38
N ILE A 350 4.05 -5.90 15.17
CA ILE A 350 4.66 -4.58 15.07
C ILE A 350 6.10 -4.60 15.57
N GLN A 351 6.40 -5.40 16.59
CA GLN A 351 7.77 -5.53 17.06
C GLN A 351 8.68 -6.07 15.96
N ARG A 352 8.23 -7.11 15.27
CA ARG A 352 9.03 -7.67 14.18
C ARG A 352 9.15 -6.68 13.03
N MET A 353 8.09 -5.93 12.76
CA MET A 353 8.16 -4.91 11.71
C MET A 353 9.22 -3.87 12.05
N HIS A 354 9.24 -3.40 13.28
CA HIS A 354 10.24 -2.41 13.69
C HIS A 354 11.64 -3.00 13.67
N LEU A 355 11.80 -4.24 14.13
CA LEU A 355 13.11 -4.89 14.10
C LEU A 355 13.62 -4.99 12.67
N ARG A 356 12.76 -5.39 11.74
CA ARG A 356 13.16 -5.45 10.34
C ARG A 356 13.51 -4.06 9.80
N GLN A 357 12.74 -3.04 10.21
CA GLN A 357 12.98 -1.69 9.71
C GLN A 357 14.38 -1.21 10.10
N TYR A 358 14.78 -1.47 11.34
CA TYR A 358 16.08 -1.02 11.85
C TYR A 358 17.20 -2.01 11.57
N GLU A 359 17.02 -2.94 10.64
CA GLU A 359 18.04 -3.91 10.26
C GLU A 359 18.48 -4.76 11.45
N LEU A 360 17.59 -4.96 12.42
CA LEU A 360 17.84 -5.86 13.53
C LEU A 360 17.24 -7.24 13.29
N LEU A 361 16.66 -7.47 12.12
CA LEU A 361 16.00 -8.75 11.83
C LEU A 361 15.91 -8.96 10.31
N GLU B 8 -35.50 -24.25 -24.71
CA GLU B 8 -34.48 -24.99 -23.93
C GLU B 8 -33.20 -24.16 -23.78
N LEU B 9 -32.44 -24.44 -22.72
CA LEU B 9 -31.23 -23.66 -22.45
C LEU B 9 -30.23 -23.77 -23.59
N ASP B 10 -30.03 -24.98 -24.11
CA ASP B 10 -29.06 -25.17 -25.19
C ASP B 10 -29.44 -24.37 -26.42
N GLN B 11 -30.72 -24.38 -26.78
CA GLN B 11 -31.17 -23.62 -27.95
C GLN B 11 -30.96 -22.13 -27.74
N LEU B 12 -31.27 -21.63 -26.54
CA LEU B 12 -31.10 -20.20 -26.28
C LEU B 12 -29.63 -19.80 -26.34
N ARG B 13 -28.74 -20.63 -25.79
CA ARG B 13 -27.32 -20.30 -25.84
C ARG B 13 -26.77 -20.41 -27.27
N GLN B 14 -27.28 -21.35 -28.06
CA GLN B 14 -26.89 -21.41 -29.46
C GLN B 14 -27.36 -20.16 -30.20
N GLU B 15 -28.57 -19.69 -29.90
CA GLU B 15 -29.05 -18.45 -30.49
C GLU B 15 -28.17 -17.27 -30.08
N ALA B 16 -27.74 -17.25 -28.81
CA ALA B 16 -26.83 -16.20 -28.36
C ALA B 16 -25.52 -16.26 -29.12
N GLU B 17 -24.99 -17.47 -29.35
CA GLU B 17 -23.76 -17.60 -30.12
C GLU B 17 -23.95 -17.10 -31.55
N GLN B 18 -25.08 -17.44 -32.18
CA GLN B 18 -25.35 -16.97 -33.52
C GLN B 18 -25.43 -15.45 -33.56
N LEU B 19 -26.09 -14.85 -32.57
CA LEU B 19 -26.22 -13.40 -32.52
C LEU B 19 -24.87 -12.74 -32.29
N LYS B 20 -24.03 -13.34 -31.45
CA LYS B 20 -22.69 -12.81 -31.24
C LYS B 20 -21.88 -12.86 -32.53
N ASN B 21 -22.01 -13.96 -33.29
CA ASN B 21 -21.35 -14.04 -34.59
C ASN B 21 -21.87 -12.96 -35.53
N GLN B 22 -23.19 -12.72 -35.52
CA GLN B 22 -23.75 -11.67 -36.35
C GLN B 22 -23.16 -10.31 -36.00
N ILE B 23 -23.10 -10.00 -34.71
CA ILE B 23 -22.57 -8.71 -34.28
C ILE B 23 -21.09 -8.59 -34.65
N ARG B 24 -20.33 -9.66 -34.45
CA ARG B 24 -18.91 -9.65 -34.77
C ARG B 24 -18.70 -9.38 -36.26
N ASP B 25 -19.46 -10.08 -37.11
CA ASP B 25 -19.35 -9.86 -38.54
C ASP B 25 -19.75 -8.44 -38.92
N ALA B 26 -20.82 -7.94 -38.31
CA ALA B 26 -21.31 -6.60 -38.65
C ALA B 26 -20.27 -5.54 -38.31
N ARG B 27 -19.62 -5.68 -37.14
CA ARG B 27 -18.60 -4.70 -36.77
C ARG B 27 -17.29 -4.95 -37.49
N LYS B 28 -17.09 -6.16 -38.02
CA LYS B 28 -15.94 -6.41 -38.88
C LYS B 28 -16.09 -5.72 -40.23
N ALA B 29 -17.31 -5.71 -40.75
CA ALA B 29 -17.57 -5.02 -42.02
C ALA B 29 -17.25 -3.53 -41.92
N CYS B 30 -17.38 -2.95 -40.72
CA CYS B 30 -17.14 -1.53 -40.53
C CYS B 30 -15.67 -1.20 -40.31
N ALA B 31 -14.82 -2.22 -40.14
CA ALA B 31 -13.40 -1.98 -39.91
C ALA B 31 -12.67 -1.74 -41.23
N ASP B 32 -13.15 -0.78 -42.02
CA ASP B 32 -12.53 -0.48 -43.30
C ASP B 32 -11.14 0.12 -43.13
N ALA B 33 -10.83 0.68 -41.96
CA ALA B 33 -9.52 1.27 -41.71
C ALA B 33 -9.26 1.21 -40.21
N THR B 34 -8.10 1.74 -39.81
CA THR B 34 -7.71 1.80 -38.41
C THR B 34 -7.27 3.22 -38.09
N LEU B 35 -7.58 3.65 -36.87
CA LEU B 35 -7.21 5.01 -36.46
C LEU B 35 -5.71 5.22 -36.53
N SER B 36 -4.94 4.16 -36.26
CA SER B 36 -3.48 4.29 -36.29
C SER B 36 -2.99 4.66 -37.69
N GLN B 37 -3.46 3.96 -38.72
CA GLN B 37 -3.04 4.25 -40.09
C GLN B 37 -3.71 5.49 -40.65
N ILE B 38 -4.76 5.99 -40.01
CA ILE B 38 -5.33 7.28 -40.41
C ILE B 38 -4.52 8.42 -39.80
N THR B 39 -3.98 8.22 -38.61
CA THR B 39 -3.24 9.27 -37.90
C THR B 39 -1.73 9.19 -38.10
N ASN B 40 -1.24 8.16 -38.80
CA ASN B 40 0.20 8.05 -39.01
C ASN B 40 0.77 9.25 -39.75
N ASN B 41 -0.07 10.00 -40.47
CA ASN B 41 0.41 11.10 -41.29
C ASN B 41 0.53 12.41 -40.54
N ILE B 42 0.07 12.49 -39.29
CA ILE B 42 0.13 13.71 -38.50
C ILE B 42 1.28 13.61 -37.52
N ASP B 43 2.01 14.72 -37.36
CA ASP B 43 3.19 14.73 -36.51
C ASP B 43 2.79 14.51 -35.05
N PRO B 44 3.66 13.92 -34.24
CA PRO B 44 3.32 13.69 -32.83
C PRO B 44 3.30 14.99 -32.03
N VAL B 45 2.62 14.93 -30.88
CA VAL B 45 2.57 16.08 -29.99
C VAL B 45 3.97 16.43 -29.48
N GLY B 46 4.84 15.44 -29.40
CA GLY B 46 6.17 15.66 -28.87
C GLY B 46 6.33 15.16 -27.45
N ARG B 47 7.51 15.42 -26.90
CA ARG B 47 7.89 14.93 -25.58
C ARG B 47 7.27 15.84 -24.53
N ILE B 48 6.15 15.41 -23.96
CA ILE B 48 5.36 16.22 -23.03
C ILE B 48 6.04 16.21 -21.67
N GLN B 49 6.14 17.39 -21.06
CA GLN B 49 6.76 17.56 -19.75
C GLN B 49 5.77 18.24 -18.82
N MET B 50 5.61 17.68 -17.62
CA MET B 50 4.76 18.28 -16.59
C MET B 50 5.51 18.23 -15.26
N ARG B 51 5.38 19.30 -14.49
CA ARG B 51 6.07 19.44 -13.21
C ARG B 51 5.05 19.61 -12.09
N THR B 52 5.39 19.10 -10.91
CA THR B 52 4.49 19.14 -9.78
C THR B 52 4.36 20.57 -9.26
N ARG B 53 3.33 21.29 -9.72
CA ARG B 53 3.14 22.66 -9.27
C ARG B 53 2.75 22.70 -7.80
N ARG B 54 1.78 21.89 -7.39
CA ARG B 54 1.33 21.83 -6.01
C ARG B 54 1.39 20.39 -5.53
N THR B 55 1.64 20.22 -4.23
CA THR B 55 1.57 18.92 -3.58
C THR B 55 0.69 19.07 -2.36
N LEU B 56 -0.55 18.62 -2.47
CA LEU B 56 -1.54 18.76 -1.40
C LEU B 56 -1.40 17.59 -0.44
N ARG B 57 -1.03 17.88 0.80
CA ARG B 57 -0.87 16.87 1.84
C ARG B 57 -1.74 17.21 3.03
N GLY B 58 -2.00 16.22 3.87
CA GLY B 58 -2.92 16.37 4.97
C GLY B 58 -3.75 15.13 5.22
N HIS B 59 -3.90 14.29 4.21
CA HIS B 59 -4.55 13.00 4.40
C HIS B 59 -3.64 12.07 5.18
N LEU B 60 -4.24 11.25 6.03
CA LEU B 60 -3.48 10.34 6.89
C LEU B 60 -3.26 8.97 6.28
N ALA B 61 -4.10 8.57 5.34
CA ALA B 61 -4.02 7.24 4.72
C ALA B 61 -4.14 7.37 3.21
N LYS B 62 -4.17 6.23 2.53
CA LYS B 62 -4.19 6.22 1.08
C LYS B 62 -5.41 6.96 0.55
N ILE B 63 -5.20 7.76 -0.47
CA ILE B 63 -6.29 8.44 -1.18
C ILE B 63 -6.87 7.49 -2.20
N TYR B 64 -8.20 7.35 -2.20
CA TYR B 64 -8.87 6.40 -3.09
C TYR B 64 -9.56 7.07 -4.27
N ALA B 65 -9.91 8.36 -4.16
CA ALA B 65 -10.59 9.04 -5.25
C ALA B 65 -10.46 10.54 -5.05
N MET B 66 -10.64 11.26 -6.16
CA MET B 66 -10.68 12.72 -6.14
C MET B 66 -11.53 13.19 -7.31
N HIS B 67 -11.99 14.43 -7.22
CA HIS B 67 -12.80 15.00 -8.29
C HIS B 67 -12.60 16.51 -8.31
N TRP B 68 -12.72 17.08 -9.51
CA TRP B 68 -12.54 18.51 -9.71
C TRP B 68 -13.89 19.23 -9.71
N GLY B 69 -13.92 20.39 -9.06
CA GLY B 69 -15.07 21.26 -9.22
C GLY B 69 -15.11 21.88 -10.60
N THR B 70 -16.31 22.28 -11.01
CA THR B 70 -16.47 22.83 -12.36
C THR B 70 -15.72 24.14 -12.53
N ASP B 71 -15.36 24.82 -11.43
CA ASP B 71 -14.59 26.06 -11.52
C ASP B 71 -13.10 25.81 -11.71
N SER B 72 -12.63 24.57 -11.54
CA SER B 72 -11.24 24.18 -11.72
C SER B 72 -10.35 24.64 -10.58
N ARG B 73 -10.90 25.25 -9.54
CA ARG B 73 -10.13 25.62 -8.36
C ARG B 73 -10.30 24.62 -7.24
N LEU B 74 -11.55 24.37 -6.83
CA LEU B 74 -11.82 23.48 -5.71
C LEU B 74 -11.62 22.03 -6.11
N LEU B 75 -11.31 21.19 -5.13
CA LEU B 75 -10.91 19.82 -5.38
C LEU B 75 -11.27 18.98 -4.16
N VAL B 76 -12.10 17.97 -4.35
CA VAL B 76 -12.50 17.07 -3.29
C VAL B 76 -11.74 15.76 -3.42
N SER B 77 -11.22 15.27 -2.30
CA SER B 77 -10.49 14.01 -2.29
C SER B 77 -11.01 13.15 -1.14
N ALA B 78 -10.98 11.84 -1.36
CA ALA B 78 -11.43 10.88 -0.37
C ALA B 78 -10.26 10.00 0.04
N SER B 79 -10.06 9.85 1.34
CA SER B 79 -9.00 9.03 1.89
C SER B 79 -9.61 7.96 2.78
N GLN B 80 -8.93 6.82 2.88
CA GLN B 80 -9.47 5.74 3.69
C GLN B 80 -9.18 5.89 5.15
N ASP B 81 -8.72 7.06 5.59
CA ASP B 81 -8.70 7.37 7.00
C ASP B 81 -10.05 7.88 7.50
N GLY B 82 -11.01 8.06 6.60
CA GLY B 82 -12.34 8.51 6.97
C GLY B 82 -12.49 10.00 6.90
N LYS B 83 -12.03 10.62 5.81
CA LYS B 83 -12.01 12.07 5.69
C LYS B 83 -12.17 12.49 4.24
N LEU B 84 -13.06 13.45 4.01
CA LEU B 84 -13.14 14.18 2.76
C LEU B 84 -12.58 15.58 2.97
N ILE B 85 -11.66 15.99 2.12
CA ILE B 85 -11.04 17.31 2.20
C ILE B 85 -11.31 18.04 0.89
N ILE B 86 -11.83 19.26 0.99
CA ILE B 86 -12.01 20.15 -0.15
C ILE B 86 -10.79 21.07 -0.20
N TRP B 87 -10.01 20.96 -1.26
CA TRP B 87 -8.79 21.74 -1.42
C TRP B 87 -9.03 22.90 -2.38
N ASP B 88 -8.41 24.03 -2.08
CA ASP B 88 -8.30 25.13 -3.03
C ASP B 88 -6.95 24.98 -3.71
N SER B 89 -6.95 24.39 -4.91
CA SER B 89 -5.70 24.01 -5.55
C SER B 89 -4.79 25.21 -5.83
N TYR B 90 -5.35 26.40 -6.02
CA TYR B 90 -4.53 27.56 -6.29
C TYR B 90 -3.65 27.90 -5.09
N THR B 91 -4.22 27.91 -3.88
CA THR B 91 -3.52 28.34 -2.68
C THR B 91 -3.20 27.20 -1.73
N THR B 92 -3.60 25.97 -2.05
CA THR B 92 -3.31 24.79 -1.21
C THR B 92 -4.10 24.83 0.09
N ASN B 93 -4.88 25.89 0.31
CA ASN B 93 -5.65 26.00 1.54
C ASN B 93 -6.76 24.96 1.58
N LYS B 94 -7.06 24.48 2.79
CA LYS B 94 -8.21 23.61 2.99
C LYS B 94 -9.47 24.44 3.09
N VAL B 95 -10.56 23.94 2.49
CA VAL B 95 -11.85 24.61 2.56
C VAL B 95 -12.82 23.85 3.46
N HIS B 96 -12.78 22.52 3.44
CA HIS B 96 -13.58 21.70 4.31
C HIS B 96 -12.82 20.43 4.66
N ALA B 97 -13.21 19.81 5.77
CA ALA B 97 -12.69 18.50 6.17
C ALA B 97 -13.84 17.74 6.80
N ILE B 98 -14.48 16.90 6.01
CA ILE B 98 -15.72 16.23 6.41
C ILE B 98 -15.35 14.88 7.03
N PRO B 99 -15.66 14.64 8.31
CA PRO B 99 -15.40 13.31 8.88
C PRO B 99 -16.46 12.30 8.50
N LEU B 100 -16.07 11.27 7.74
CA LEU B 100 -17.01 10.28 7.25
C LEU B 100 -17.39 9.31 8.36
N ARG B 101 -18.63 8.81 8.29
CA ARG B 101 -19.08 7.83 9.27
C ARG B 101 -18.45 6.46 9.05
N SER B 102 -18.06 6.17 7.81
CA SER B 102 -17.38 4.92 7.47
C SER B 102 -16.00 5.25 6.93
N SER B 103 -14.98 4.58 7.46
CA SER B 103 -13.61 4.86 7.07
C SER B 103 -13.29 4.43 5.66
N TRP B 104 -14.00 3.46 5.11
CA TRP B 104 -13.61 2.81 3.86
C TRP B 104 -14.28 3.45 2.65
N VAL B 105 -14.01 4.73 2.44
CA VAL B 105 -14.53 5.43 1.28
C VAL B 105 -13.76 5.02 0.04
N MET B 106 -14.50 4.67 -1.02
CA MET B 106 -13.90 4.25 -2.27
C MET B 106 -14.14 5.21 -3.43
N THR B 107 -14.97 6.23 -3.25
CA THR B 107 -15.27 7.15 -4.33
C THR B 107 -15.74 8.48 -3.74
N CYS B 108 -15.67 9.53 -4.55
CA CYS B 108 -16.20 10.83 -4.18
C CYS B 108 -16.59 11.58 -5.44
N ALA B 109 -17.48 12.55 -5.28
CA ALA B 109 -17.98 13.34 -6.39
C ALA B 109 -18.20 14.77 -5.94
N TYR B 110 -18.13 15.68 -6.92
CA TYR B 110 -18.38 17.10 -6.70
C TYR B 110 -19.54 17.51 -7.58
N ALA B 111 -20.56 18.12 -6.99
CA ALA B 111 -21.71 18.53 -7.77
C ALA B 111 -21.29 19.57 -8.80
N PRO B 112 -21.86 19.56 -10.01
CA PRO B 112 -21.49 20.59 -10.99
C PRO B 112 -21.75 22.00 -10.47
N SER B 113 -22.78 22.18 -9.66
CA SER B 113 -23.03 23.48 -9.03
C SER B 113 -22.08 23.74 -7.86
N GLY B 114 -21.47 22.69 -7.31
CA GLY B 114 -20.56 22.85 -6.20
C GLY B 114 -21.22 22.93 -4.85
N ASN B 115 -22.54 22.75 -4.77
CA ASN B 115 -23.23 22.87 -3.49
C ASN B 115 -23.06 21.61 -2.65
N TYR B 116 -22.97 20.44 -3.29
CA TYR B 116 -22.89 19.18 -2.58
C TYR B 116 -21.69 18.37 -3.06
N VAL B 117 -21.24 17.46 -2.20
CA VAL B 117 -20.30 16.42 -2.57
C VAL B 117 -20.90 15.09 -2.11
N ALA B 118 -20.51 14.03 -2.81
CA ALA B 118 -20.99 12.68 -2.50
C ALA B 118 -19.79 11.76 -2.31
N CYS B 119 -20.00 10.69 -1.54
CA CYS B 119 -18.96 9.69 -1.35
C CYS B 119 -19.59 8.41 -0.84
N GLY B 120 -18.87 7.31 -1.02
CA GLY B 120 -19.32 6.01 -0.58
C GLY B 120 -18.18 5.03 -0.63
N GLY B 121 -18.50 3.77 -0.33
CA GLY B 121 -17.48 2.75 -0.32
C GLY B 121 -17.98 1.40 0.15
N LEU B 122 -17.25 0.78 1.07
CA LEU B 122 -17.59 -0.55 1.54
C LEU B 122 -18.88 -0.56 2.36
N ASP B 123 -19.40 0.61 2.74
CA ASP B 123 -20.65 0.66 3.50
C ASP B 123 -21.88 0.54 2.60
N ASN B 124 -21.72 0.49 1.29
CA ASN B 124 -22.81 0.32 0.34
C ASN B 124 -23.77 1.50 0.33
N ILE B 125 -23.36 2.64 0.88
CA ILE B 125 -24.22 3.81 1.03
C ILE B 125 -23.53 5.00 0.38
N CYS B 126 -24.28 5.75 -0.44
CA CYS B 126 -23.81 7.01 -1.01
C CYS B 126 -24.31 8.13 -0.12
N SER B 127 -23.38 8.84 0.53
CA SER B 127 -23.73 9.93 1.42
C SER B 127 -23.56 11.25 0.69
N ILE B 128 -24.54 12.12 0.80
CA ILE B 128 -24.52 13.44 0.16
C ILE B 128 -24.33 14.46 1.27
N TYR B 129 -23.33 15.33 1.12
CA TYR B 129 -22.99 16.34 2.11
C TYR B 129 -23.30 17.72 1.55
N ASN B 130 -24.08 18.50 2.29
CA ASN B 130 -24.43 19.86 1.88
C ASN B 130 -23.30 20.80 2.30
N LEU B 131 -22.56 21.31 1.31
CA LEU B 131 -21.40 22.15 1.60
C LEU B 131 -21.78 23.57 1.99
N LYS B 132 -23.01 23.99 1.71
CA LYS B 132 -23.45 25.37 1.94
C LYS B 132 -24.61 25.42 2.92
N THR B 133 -24.49 24.69 4.03
CA THR B 133 -25.52 24.73 5.06
C THR B 133 -25.65 26.15 5.60
N ARG B 134 -26.88 26.54 5.95
CA ARG B 134 -27.13 27.91 6.40
C ARG B 134 -26.27 28.25 7.62
N GLU B 135 -26.02 27.27 8.48
CA GLU B 135 -25.20 27.48 9.67
C GLU B 135 -23.71 27.39 9.39
N GLY B 136 -23.32 27.05 8.15
CA GLY B 136 -21.91 27.00 7.79
C GLY B 136 -21.20 25.72 8.14
N ASN B 137 -21.91 24.71 8.64
CA ASN B 137 -21.33 23.43 9.00
C ASN B 137 -21.83 22.37 8.02
N VAL B 138 -20.91 21.57 7.50
CA VAL B 138 -21.29 20.51 6.56
C VAL B 138 -22.18 19.51 7.28
N ARG B 139 -23.30 19.17 6.65
CA ARG B 139 -24.26 18.23 7.20
C ARG B 139 -24.53 17.16 6.16
N VAL B 140 -24.80 15.94 6.63
CA VAL B 140 -25.10 14.84 5.72
C VAL B 140 -26.52 15.03 5.20
N SER B 141 -26.63 15.59 4.00
CA SER B 141 -27.95 15.90 3.45
C SER B 141 -28.77 14.63 3.24
N ARG B 142 -28.14 13.57 2.73
CA ARG B 142 -28.84 12.33 2.46
C ARG B 142 -27.86 11.17 2.55
N GLU B 143 -28.40 9.98 2.76
CA GLU B 143 -27.64 8.74 2.80
C GLU B 143 -28.40 7.73 1.97
N LEU B 144 -28.01 7.59 0.69
CA LEU B 144 -28.72 6.72 -0.23
C LEU B 144 -28.33 5.27 0.02
N ALA B 145 -29.32 4.43 0.31
CA ALA B 145 -29.12 3.02 0.57
C ALA B 145 -29.96 2.18 -0.39
N GLY B 146 -29.54 0.94 -0.58
CA GLY B 146 -30.25 0.04 -1.48
C GLY B 146 -29.31 -0.85 -2.27
N HIS B 147 -28.08 -0.40 -2.49
CA HIS B 147 -27.09 -1.23 -3.15
C HIS B 147 -26.63 -2.34 -2.21
N THR B 148 -26.47 -3.54 -2.77
CA THR B 148 -26.06 -4.71 -2.01
C THR B 148 -24.58 -5.01 -2.16
N GLY B 149 -23.78 -3.98 -2.47
CA GLY B 149 -22.34 -4.14 -2.61
C GLY B 149 -21.68 -2.79 -2.49
N TYR B 150 -20.36 -2.82 -2.30
CA TYR B 150 -19.62 -1.59 -2.11
C TYR B 150 -19.80 -0.66 -3.30
N LEU B 151 -19.90 0.64 -3.00
CA LEU B 151 -19.97 1.65 -4.03
C LEU B 151 -18.58 1.89 -4.61
N SER B 152 -18.46 1.77 -5.94
CA SER B 152 -17.19 1.96 -6.61
C SER B 152 -17.09 3.30 -7.32
N CYS B 153 -18.20 3.89 -7.73
CA CYS B 153 -18.18 5.18 -8.38
C CYS B 153 -19.52 5.88 -8.17
N CYS B 154 -19.52 7.20 -8.33
CA CYS B 154 -20.73 8.00 -8.21
C CYS B 154 -20.49 9.33 -8.89
N ARG B 155 -21.48 9.81 -9.62
CA ARG B 155 -21.37 11.06 -10.37
C ARG B 155 -22.69 11.80 -10.36
N PHE B 156 -22.65 13.08 -10.04
CA PHE B 156 -23.85 13.90 -10.07
C PHE B 156 -24.27 14.22 -11.50
N LEU B 157 -25.56 14.09 -11.78
CA LEU B 157 -26.13 14.69 -12.99
C LEU B 157 -26.55 16.13 -12.72
N ASP B 158 -27.11 16.39 -11.55
CA ASP B 158 -27.42 17.74 -11.10
C ASP B 158 -27.52 17.70 -9.58
N ASP B 159 -28.07 18.77 -8.99
CA ASP B 159 -28.18 18.82 -7.54
C ASP B 159 -29.15 17.79 -6.98
N ASN B 160 -30.00 17.20 -7.83
CA ASN B 160 -31.03 16.29 -7.36
C ASN B 160 -30.81 14.83 -7.79
N GLN B 161 -30.14 14.59 -8.90
CA GLN B 161 -29.93 13.25 -9.42
C GLN B 161 -28.46 12.87 -9.31
N ILE B 162 -28.20 11.60 -8.98
CA ILE B 162 -26.85 11.07 -8.91
C ILE B 162 -26.87 9.64 -9.44
N VAL B 163 -25.84 9.27 -10.19
CA VAL B 163 -25.67 7.93 -10.74
C VAL B 163 -24.52 7.26 -10.00
N THR B 164 -24.77 6.05 -9.49
CA THR B 164 -23.76 5.32 -8.74
C THR B 164 -23.61 3.92 -9.31
N SER B 165 -22.37 3.42 -9.28
CA SER B 165 -22.06 2.05 -9.64
C SER B 165 -21.56 1.33 -8.41
N SER B 166 -21.93 0.05 -8.29
CA SER B 166 -21.68 -0.71 -7.08
C SER B 166 -21.07 -2.06 -7.42
N GLY B 167 -20.51 -2.70 -6.40
CA GLY B 167 -19.91 -4.01 -6.58
C GLY B 167 -20.91 -5.13 -6.73
N ASP B 168 -22.20 -4.82 -6.56
CA ASP B 168 -23.25 -5.81 -6.78
C ASP B 168 -23.60 -5.97 -8.26
N THR B 169 -22.78 -5.45 -9.17
CA THR B 169 -22.89 -5.59 -10.61
C THR B 169 -23.96 -4.69 -11.22
N THR B 170 -24.52 -3.76 -10.46
CA THR B 170 -25.57 -2.88 -10.97
C THR B 170 -25.21 -1.42 -10.74
N CYS B 171 -25.65 -0.57 -11.67
CA CYS B 171 -25.64 0.87 -11.51
C CYS B 171 -27.06 1.35 -11.25
N ALA B 172 -27.18 2.53 -10.66
CA ALA B 172 -28.48 3.03 -10.25
C ALA B 172 -28.52 4.55 -10.38
N LEU B 173 -29.70 5.05 -10.74
CA LEU B 173 -29.96 6.48 -10.78
C LEU B 173 -30.89 6.84 -9.62
N TRP B 174 -30.48 7.80 -8.81
CA TRP B 174 -31.16 8.13 -7.57
C TRP B 174 -31.80 9.52 -7.66
N ASP B 175 -32.84 9.72 -6.87
CA ASP B 175 -33.38 11.06 -6.62
C ASP B 175 -33.02 11.44 -5.20
N ILE B 176 -32.09 12.39 -5.05
CA ILE B 176 -31.57 12.70 -3.73
C ILE B 176 -32.68 13.24 -2.83
N GLU B 177 -33.60 14.03 -3.40
CA GLU B 177 -34.68 14.60 -2.60
C GLU B 177 -35.50 13.51 -1.92
N THR B 178 -35.92 12.50 -2.68
CA THR B 178 -36.69 11.40 -2.13
C THR B 178 -35.82 10.26 -1.63
N GLY B 179 -34.61 10.11 -2.16
CA GLY B 179 -33.72 9.05 -1.73
C GLY B 179 -34.03 7.69 -2.27
N GLN B 180 -34.83 7.61 -3.34
CA GLN B 180 -35.21 6.34 -3.92
C GLN B 180 -34.50 6.12 -5.25
N GLN B 181 -34.33 4.84 -5.61
CA GLN B 181 -33.69 4.46 -6.86
C GLN B 181 -34.64 4.70 -8.02
N THR B 182 -34.43 5.81 -8.74
CA THR B 182 -35.29 6.12 -9.87
C THR B 182 -35.18 5.05 -10.96
N THR B 183 -33.96 4.60 -11.24
CA THR B 183 -33.73 3.60 -12.27
C THR B 183 -32.55 2.73 -11.85
N THR B 184 -32.61 1.45 -12.25
CA THR B 184 -31.55 0.49 -11.96
C THR B 184 -31.04 -0.08 -13.26
N PHE B 185 -29.72 -0.11 -13.42
CA PHE B 185 -29.07 -0.61 -14.63
C PHE B 185 -28.44 -1.96 -14.33
N THR B 186 -28.83 -2.98 -15.07
CA THR B 186 -28.35 -4.33 -14.86
C THR B 186 -27.85 -4.91 -16.17
N GLY B 187 -26.98 -5.91 -16.08
CA GLY B 187 -26.42 -6.55 -17.25
C GLY B 187 -24.96 -6.92 -17.09
N HIS B 188 -24.25 -6.21 -16.21
CA HIS B 188 -22.85 -6.55 -15.95
C HIS B 188 -22.76 -7.85 -15.16
N THR B 189 -21.75 -8.67 -15.49
CA THR B 189 -21.59 -9.95 -14.83
C THR B 189 -20.74 -9.85 -13.57
N GLY B 190 -19.87 -8.85 -13.48
CA GLY B 190 -19.03 -8.69 -12.31
C GLY B 190 -19.18 -7.32 -11.69
N ASP B 191 -18.31 -7.00 -10.74
CA ASP B 191 -18.38 -5.70 -10.08
C ASP B 191 -18.18 -4.58 -11.09
N VAL B 192 -19.02 -3.56 -11.01
CA VAL B 192 -18.83 -2.35 -11.81
C VAL B 192 -17.83 -1.47 -11.08
N MET B 193 -16.71 -1.19 -11.73
CA MET B 193 -15.57 -0.57 -11.06
C MET B 193 -15.43 0.92 -11.35
N SER B 194 -16.00 1.40 -12.45
CA SER B 194 -15.87 2.81 -12.80
C SER B 194 -17.10 3.25 -13.58
N LEU B 195 -17.24 4.57 -13.71
CA LEU B 195 -18.41 5.17 -14.33
C LEU B 195 -17.99 6.50 -14.93
N SER B 196 -18.68 6.91 -15.99
CA SER B 196 -18.37 8.17 -16.67
C SER B 196 -19.61 8.68 -17.37
N LEU B 197 -20.10 9.84 -16.94
CA LEU B 197 -21.21 10.50 -17.60
C LEU B 197 -20.76 11.17 -18.88
N ALA B 198 -21.63 11.16 -19.89
CA ALA B 198 -21.36 11.88 -21.11
C ALA B 198 -21.46 13.38 -20.85
N PRO B 199 -20.85 14.21 -21.71
CA PRO B 199 -20.94 15.66 -21.49
C PRO B 199 -22.36 16.17 -21.37
N ASP B 200 -23.29 15.62 -22.16
CA ASP B 200 -24.68 16.04 -22.10
C ASP B 200 -25.47 15.28 -21.03
N THR B 201 -24.90 14.25 -20.42
CA THR B 201 -25.55 13.51 -19.35
C THR B 201 -26.80 12.80 -19.84
N ARG B 202 -26.92 12.62 -21.16
CA ARG B 202 -27.97 11.76 -21.69
C ARG B 202 -27.56 10.29 -21.65
N LEU B 203 -26.25 10.04 -21.64
CA LEU B 203 -25.70 8.69 -21.68
C LEU B 203 -24.56 8.60 -20.67
N PHE B 204 -24.21 7.38 -20.29
CA PHE B 204 -23.02 7.13 -19.50
C PHE B 204 -22.55 5.70 -19.74
N VAL B 205 -21.25 5.49 -19.53
CA VAL B 205 -20.61 4.19 -19.74
C VAL B 205 -20.05 3.71 -18.42
N SER B 206 -20.14 2.40 -18.20
CA SER B 206 -19.65 1.77 -16.98
C SER B 206 -18.71 0.64 -17.34
N GLY B 207 -17.54 0.63 -16.71
CA GLY B 207 -16.58 -0.45 -16.86
C GLY B 207 -16.63 -1.35 -15.65
N ALA B 208 -16.64 -2.66 -15.90
CA ALA B 208 -16.83 -3.64 -14.84
C ALA B 208 -15.87 -4.80 -15.05
N CYS B 209 -15.79 -5.65 -14.04
CA CYS B 209 -15.16 -6.95 -14.23
C CYS B 209 -15.92 -7.71 -15.31
N ASP B 210 -15.33 -8.82 -15.76
CA ASP B 210 -15.74 -9.51 -16.97
C ASP B 210 -15.18 -8.84 -18.22
N ALA B 211 -14.33 -7.84 -18.04
CA ALA B 211 -13.63 -7.19 -19.16
C ALA B 211 -14.63 -6.65 -20.19
N SER B 212 -15.72 -6.06 -19.72
CA SER B 212 -16.75 -5.53 -20.61
C SER B 212 -17.13 -4.14 -20.16
N ALA B 213 -17.38 -3.27 -21.14
CA ALA B 213 -17.91 -1.93 -20.91
C ALA B 213 -19.25 -1.83 -21.60
N LYS B 214 -20.18 -1.09 -20.99
CA LYS B 214 -21.54 -0.98 -21.48
C LYS B 214 -21.95 0.48 -21.55
N LEU B 215 -22.77 0.82 -22.53
CA LEU B 215 -23.31 2.16 -22.68
C LEU B 215 -24.77 2.16 -22.24
N TRP B 216 -25.10 3.03 -21.30
CA TRP B 216 -26.43 3.11 -20.72
C TRP B 216 -27.08 4.43 -21.08
N ASP B 217 -28.38 4.40 -21.35
CA ASP B 217 -29.17 5.61 -21.55
C ASP B 217 -29.99 5.84 -20.30
N VAL B 218 -29.78 6.98 -19.65
CA VAL B 218 -30.37 7.21 -18.33
C VAL B 218 -31.88 7.36 -18.40
N ARG B 219 -32.42 7.99 -19.44
CA ARG B 219 -33.87 8.14 -19.54
C ARG B 219 -34.58 6.82 -19.83
N GLU B 220 -34.10 6.06 -20.82
CA GLU B 220 -34.72 4.77 -21.11
C GLU B 220 -34.33 3.70 -20.10
N GLY B 221 -33.16 3.83 -19.48
CA GLY B 221 -32.73 2.86 -18.49
C GLY B 221 -32.38 1.50 -19.02
N MET B 222 -31.71 1.41 -20.17
CA MET B 222 -31.33 0.14 -20.75
C MET B 222 -29.95 0.26 -21.37
N CYS B 223 -29.30 -0.89 -21.57
CA CYS B 223 -27.97 -0.94 -22.19
C CYS B 223 -28.14 -0.84 -23.70
N ARG B 224 -27.46 0.14 -24.31
CA ARG B 224 -27.56 0.31 -25.74
C ARG B 224 -26.47 -0.45 -26.48
N GLN B 225 -25.25 -0.47 -25.95
CA GLN B 225 -24.15 -1.17 -26.59
C GLN B 225 -23.25 -1.78 -25.53
N THR B 226 -22.64 -2.91 -25.87
CA THR B 226 -21.66 -3.58 -25.02
C THR B 226 -20.33 -3.64 -25.75
N PHE B 227 -19.28 -3.16 -25.10
CA PHE B 227 -17.95 -3.10 -25.69
C PHE B 227 -17.03 -4.06 -24.96
N THR B 228 -16.36 -4.91 -25.73
CA THR B 228 -15.42 -5.89 -25.18
C THR B 228 -14.09 -5.79 -25.93
N GLY B 229 -13.10 -6.50 -25.43
CA GLY B 229 -11.77 -6.46 -26.02
C GLY B 229 -10.69 -6.51 -24.96
N HIS B 230 -10.99 -6.03 -23.76
CA HIS B 230 -10.05 -6.15 -22.66
C HIS B 230 -9.94 -7.60 -22.24
N GLU B 231 -8.77 -7.96 -21.70
CA GLU B 231 -8.50 -9.32 -21.28
C GLU B 231 -8.74 -9.54 -19.79
N SER B 232 -8.98 -8.48 -19.01
CA SER B 232 -9.16 -8.60 -17.58
C SER B 232 -10.10 -7.51 -17.11
N ASP B 233 -10.12 -7.28 -15.79
CA ASP B 233 -11.04 -6.32 -15.20
C ASP B 233 -10.77 -4.92 -15.74
N ILE B 234 -11.84 -4.14 -15.90
CA ILE B 234 -11.73 -2.74 -16.30
C ILE B 234 -11.81 -1.90 -15.02
N ASN B 235 -10.71 -1.23 -14.68
CA ASN B 235 -10.64 -0.48 -13.44
C ASN B 235 -11.04 0.98 -13.62
N ALA B 236 -10.93 1.53 -14.82
CA ALA B 236 -11.22 2.94 -15.04
C ALA B 236 -11.86 3.12 -16.41
N ILE B 237 -12.62 4.20 -16.55
CA ILE B 237 -13.28 4.54 -17.81
C ILE B 237 -13.51 6.04 -17.83
N CYS B 238 -13.32 6.63 -19.02
CA CYS B 238 -13.53 8.06 -19.19
C CYS B 238 -14.09 8.32 -20.58
N PHE B 239 -14.96 9.32 -20.68
CA PHE B 239 -15.51 9.72 -21.97
C PHE B 239 -14.55 10.63 -22.71
N PHE B 240 -14.51 10.47 -24.04
CA PHE B 240 -13.81 11.43 -24.87
C PHE B 240 -14.52 12.78 -24.79
N PRO B 241 -13.79 13.89 -24.86
CA PRO B 241 -14.47 15.19 -24.75
C PRO B 241 -15.59 15.36 -25.77
N ASN B 242 -15.43 14.81 -26.96
CA ASN B 242 -16.49 14.87 -27.96
C ASN B 242 -17.74 14.18 -27.46
N GLY B 243 -17.58 13.13 -26.65
CA GLY B 243 -18.70 12.34 -26.19
C GLY B 243 -19.07 11.17 -27.08
N ASN B 244 -18.40 11.02 -28.23
CA ASN B 244 -18.66 9.93 -29.15
C ASN B 244 -17.69 8.76 -28.96
N ALA B 245 -16.82 8.82 -27.96
CA ALA B 245 -15.85 7.75 -27.72
C ALA B 245 -15.47 7.78 -26.25
N PHE B 246 -14.86 6.69 -25.79
CA PHE B 246 -14.42 6.59 -24.41
C PHE B 246 -13.20 5.68 -24.34
N ALA B 247 -12.43 5.83 -23.27
CA ALA B 247 -11.24 5.06 -23.03
C ALA B 247 -11.37 4.26 -21.74
N THR B 248 -10.87 3.03 -21.75
CA THR B 248 -10.97 2.14 -20.61
C THR B 248 -9.58 1.67 -20.21
N GLY B 249 -9.29 1.72 -18.90
CA GLY B 249 -8.08 1.16 -18.36
C GLY B 249 -8.40 -0.15 -17.65
N SER B 250 -7.53 -1.14 -17.83
CA SER B 250 -7.83 -2.49 -17.38
C SER B 250 -6.70 -3.03 -16.52
N ASP B 251 -6.95 -4.19 -15.92
CA ASP B 251 -5.94 -4.84 -15.09
C ASP B 251 -4.87 -5.53 -15.91
N ASP B 252 -5.10 -5.75 -17.20
CA ASP B 252 -4.11 -6.36 -18.08
C ASP B 252 -3.04 -5.37 -18.54
N ALA B 253 -2.95 -4.20 -17.92
CA ALA B 253 -1.92 -3.21 -18.21
C ALA B 253 -2.10 -2.58 -19.59
N THR B 254 -3.34 -2.38 -20.01
CA THR B 254 -3.65 -1.86 -21.32
C THR B 254 -4.79 -0.86 -21.25
N CYS B 255 -4.69 0.21 -22.02
CA CYS B 255 -5.80 1.12 -22.28
C CYS B 255 -6.33 0.86 -23.68
N ARG B 256 -7.61 1.13 -23.87
CA ARG B 256 -8.25 0.95 -25.16
C ARG B 256 -9.26 2.06 -25.38
N LEU B 257 -9.44 2.44 -26.65
CA LEU B 257 -10.36 3.51 -27.04
C LEU B 257 -11.46 2.92 -27.90
N PHE B 258 -12.71 3.20 -27.53
CA PHE B 258 -13.88 2.70 -28.22
C PHE B 258 -14.69 3.87 -28.77
N ASP B 259 -15.29 3.67 -29.94
CA ASP B 259 -16.19 4.65 -30.52
C ASP B 259 -17.62 4.13 -30.48
N LEU B 260 -18.53 4.95 -29.96
CA LEU B 260 -19.91 4.51 -29.78
C LEU B 260 -20.56 4.19 -31.11
N ARG B 261 -20.36 5.03 -32.13
CA ARG B 261 -21.03 4.82 -33.40
C ARG B 261 -20.41 3.68 -34.20
N ALA B 262 -19.08 3.55 -34.16
CA ALA B 262 -18.45 2.39 -34.80
C ALA B 262 -18.72 1.10 -34.03
N ASP B 263 -19.09 1.20 -32.76
CA ASP B 263 -19.36 0.02 -31.94
C ASP B 263 -18.19 -0.95 -31.94
N GLN B 264 -16.97 -0.42 -31.85
CA GLN B 264 -15.79 -1.24 -32.00
C GLN B 264 -14.60 -0.51 -31.38
N GLU B 265 -13.60 -1.30 -30.99
CA GLU B 265 -12.37 -0.75 -30.44
C GLU B 265 -11.54 -0.10 -31.55
N LEU B 266 -11.03 1.10 -31.29
CA LEU B 266 -10.25 1.80 -32.30
C LEU B 266 -8.75 1.60 -32.10
N MET B 267 -8.24 1.88 -30.89
CA MET B 267 -6.80 1.84 -30.66
C MET B 267 -6.54 1.20 -29.31
N THR B 268 -5.32 0.65 -29.18
CA THR B 268 -4.86 0.02 -27.96
C THR B 268 -3.54 0.67 -27.54
N TYR B 269 -3.46 1.06 -26.28
CA TYR B 269 -2.29 1.76 -25.74
C TYR B 269 -1.58 0.83 -24.78
N SER B 270 -0.50 0.20 -25.25
CA SER B 270 0.25 -0.74 -24.43
C SER B 270 1.71 -0.73 -24.86
N HIS B 271 2.57 -1.14 -23.94
CA HIS B 271 3.99 -1.30 -24.21
C HIS B 271 4.47 -2.57 -23.55
N ASP B 272 5.46 -3.23 -24.19
CA ASP B 272 5.93 -4.51 -23.67
C ASP B 272 6.52 -4.38 -22.28
N ASN B 273 7.10 -3.22 -21.95
CA ASN B 273 7.73 -3.04 -20.65
C ASN B 273 6.74 -2.66 -19.56
N ILE B 274 5.46 -2.48 -19.89
CA ILE B 274 4.42 -2.17 -18.91
C ILE B 274 3.59 -3.42 -18.68
N ILE B 275 3.57 -3.89 -17.43
CA ILE B 275 2.82 -5.09 -17.08
C ILE B 275 1.91 -4.87 -15.87
N CYS B 276 1.95 -3.69 -15.24
CA CYS B 276 1.09 -3.42 -14.11
C CYS B 276 -0.29 -2.93 -14.59
N GLY B 277 -1.30 -3.16 -13.77
CA GLY B 277 -2.64 -2.75 -14.12
C GLY B 277 -2.80 -1.25 -14.09
N ILE B 278 -3.89 -0.79 -14.70
CA ILE B 278 -4.22 0.63 -14.81
C ILE B 278 -5.33 0.93 -13.81
N THR B 279 -5.18 2.03 -13.08
CA THR B 279 -6.11 2.39 -12.02
C THR B 279 -7.03 3.55 -12.37
N SER B 280 -6.61 4.44 -13.27
CA SER B 280 -7.40 5.62 -13.59
C SER B 280 -6.96 6.15 -14.94
N VAL B 281 -7.92 6.66 -15.71
CA VAL B 281 -7.65 7.25 -17.02
C VAL B 281 -8.38 8.58 -17.12
N SER B 282 -7.85 9.47 -17.93
CA SER B 282 -8.50 10.75 -18.19
C SER B 282 -7.95 11.33 -19.49
N PHE B 283 -8.73 12.24 -20.07
CA PHE B 283 -8.37 12.91 -21.30
C PHE B 283 -8.06 14.37 -21.02
N SER B 284 -7.21 14.96 -21.85
CA SER B 284 -7.01 16.40 -21.81
C SER B 284 -8.20 17.09 -22.45
N LYS B 285 -8.21 18.43 -22.39
CA LYS B 285 -9.37 19.17 -22.86
C LYS B 285 -9.63 18.92 -24.34
N SER B 286 -8.59 18.91 -25.16
CA SER B 286 -8.75 18.63 -26.58
C SER B 286 -8.92 17.15 -26.88
N GLY B 287 -8.62 16.27 -25.92
CA GLY B 287 -8.71 14.84 -26.13
C GLY B 287 -7.50 14.25 -26.84
N ARG B 288 -6.45 15.03 -27.10
CA ARG B 288 -5.27 14.50 -27.76
C ARG B 288 -4.41 13.67 -26.82
N LEU B 289 -4.38 14.01 -25.54
CA LEU B 289 -3.58 13.29 -24.56
C LEU B 289 -4.49 12.42 -23.70
N LEU B 290 -4.11 11.15 -23.55
CA LEU B 290 -4.81 10.22 -22.68
C LEU B 290 -3.88 9.90 -21.50
N LEU B 291 -4.26 10.36 -20.32
CA LEU B 291 -3.46 10.19 -19.11
C LEU B 291 -3.98 8.98 -18.34
N ALA B 292 -3.08 8.07 -17.99
CA ALA B 292 -3.45 6.84 -17.31
C ALA B 292 -2.55 6.63 -16.10
N GLY B 293 -3.13 6.21 -14.98
CA GLY B 293 -2.38 5.88 -13.79
C GLY B 293 -2.14 4.39 -13.70
N TYR B 294 -1.00 4.00 -13.12
CA TYR B 294 -0.58 2.62 -13.09
C TYR B 294 -0.21 2.21 -11.68
N ASP B 295 -0.14 0.90 -11.45
CA ASP B 295 0.19 0.39 -10.12
C ASP B 295 1.67 0.57 -9.78
N ASP B 296 2.50 0.90 -10.77
CA ASP B 296 3.90 1.25 -10.51
C ASP B 296 4.07 2.71 -10.11
N PHE B 297 3.01 3.35 -9.62
CA PHE B 297 2.99 4.76 -9.25
C PHE B 297 3.68 5.66 -10.27
N ASN B 298 3.46 5.38 -11.55
CA ASN B 298 3.71 6.33 -12.61
C ASN B 298 2.42 6.62 -13.35
N CYS B 299 2.43 7.69 -14.14
CA CYS B 299 1.33 8.01 -15.04
C CYS B 299 1.88 8.27 -16.43
N ASN B 300 1.39 7.52 -17.41
CA ASN B 300 1.83 7.64 -18.78
C ASN B 300 0.88 8.55 -19.55
N VAL B 301 1.45 9.57 -20.19
CA VAL B 301 0.70 10.48 -21.04
C VAL B 301 0.75 9.93 -22.46
N TRP B 302 -0.38 9.41 -22.94
CA TRP B 302 -0.45 8.75 -24.21
C TRP B 302 -0.98 9.70 -25.28
N ASP B 303 -0.35 9.68 -26.45
CA ASP B 303 -0.88 10.39 -27.60
C ASP B 303 -2.10 9.63 -28.10
N ALA B 304 -3.30 10.14 -27.80
CA ALA B 304 -4.52 9.38 -28.05
C ALA B 304 -4.67 9.00 -29.51
N LEU B 305 -4.09 9.76 -30.43
CA LEU B 305 -4.23 9.48 -31.85
C LEU B 305 -3.11 8.60 -32.39
N LYS B 306 -1.95 8.59 -31.74
CA LYS B 306 -0.78 7.87 -32.23
C LYS B 306 -0.38 6.67 -31.39
N ALA B 307 -0.89 6.55 -30.16
CA ALA B 307 -0.54 5.47 -29.26
C ALA B 307 0.95 5.48 -28.92
N ASP B 308 1.54 6.66 -28.86
CA ASP B 308 2.93 6.79 -28.42
C ASP B 308 2.97 7.44 -27.04
N ARG B 309 3.87 6.95 -26.20
CA ARG B 309 4.02 7.50 -24.85
C ARG B 309 4.61 8.89 -24.95
N ALA B 310 3.76 9.91 -24.86
CA ALA B 310 4.21 11.29 -24.99
C ALA B 310 4.99 11.76 -23.78
N GLY B 311 4.84 11.12 -22.63
CA GLY B 311 5.55 11.53 -21.44
C GLY B 311 5.17 10.65 -20.27
N VAL B 312 5.73 11.00 -19.12
CA VAL B 312 5.49 10.27 -17.88
C VAL B 312 5.40 11.27 -16.73
N LEU B 313 4.47 11.03 -15.82
CA LEU B 313 4.38 11.78 -14.56
C LEU B 313 4.86 10.89 -13.44
N ALA B 314 6.01 11.20 -12.86
CA ALA B 314 6.60 10.41 -11.79
C ALA B 314 6.79 11.30 -10.58
N GLY B 315 6.76 10.69 -9.39
CA GLY B 315 6.90 11.43 -8.16
C GLY B 315 6.08 10.88 -7.03
N HIS B 316 5.16 9.96 -7.34
CA HIS B 316 4.36 9.31 -6.31
C HIS B 316 5.10 8.12 -5.73
N ASP B 317 5.08 8.02 -4.40
CA ASP B 317 5.76 6.95 -3.69
C ASP B 317 5.01 5.62 -3.77
N ASN B 318 3.69 5.65 -3.75
CA ASN B 318 2.89 4.43 -3.76
C ASN B 318 1.83 4.53 -4.84
N ARG B 319 1.13 3.41 -5.04
CA ARG B 319 0.17 3.25 -6.14
C ARG B 319 -0.62 4.52 -6.42
N VAL B 320 -0.67 4.89 -7.69
CA VAL B 320 -1.54 5.98 -8.12
C VAL B 320 -2.95 5.44 -8.25
N SER B 321 -3.89 6.03 -7.51
CA SER B 321 -5.24 5.51 -7.43
C SER B 321 -6.26 6.34 -8.20
N CYS B 322 -6.08 7.66 -8.28
CA CYS B 322 -7.05 8.53 -8.93
C CYS B 322 -6.30 9.56 -9.77
N LEU B 323 -7.00 10.09 -10.77
CA LEU B 323 -6.40 11.00 -11.74
C LEU B 323 -7.51 11.79 -12.41
N GLY B 324 -7.41 13.11 -12.37
CA GLY B 324 -8.42 13.96 -12.96
C GLY B 324 -7.85 15.20 -13.62
N VAL B 325 -8.54 15.68 -14.66
CA VAL B 325 -8.13 16.87 -15.40
C VAL B 325 -9.21 17.92 -15.23
N THR B 326 -8.79 19.17 -15.05
CA THR B 326 -9.72 20.25 -14.82
C THR B 326 -10.62 20.46 -16.02
N ASP B 327 -11.77 21.10 -15.79
CA ASP B 327 -12.69 21.38 -16.88
C ASP B 327 -12.05 22.27 -17.93
N ASP B 328 -11.23 23.22 -17.52
CA ASP B 328 -10.51 24.10 -18.44
C ASP B 328 -9.21 23.48 -18.92
N GLY B 329 -8.88 22.27 -18.49
CA GLY B 329 -7.69 21.59 -18.95
C GLY B 329 -6.38 22.23 -18.52
N MET B 330 -6.41 23.08 -17.50
CA MET B 330 -5.21 23.79 -17.10
C MET B 330 -4.24 22.92 -16.31
N ALA B 331 -4.74 21.92 -15.58
CA ALA B 331 -3.89 21.14 -14.71
C ALA B 331 -4.43 19.73 -14.58
N VAL B 332 -3.57 18.84 -14.08
CA VAL B 332 -3.92 17.45 -13.82
C VAL B 332 -3.62 17.17 -12.35
N ALA B 333 -4.61 16.60 -11.65
CA ALA B 333 -4.44 16.20 -10.26
C ALA B 333 -4.41 14.68 -10.17
N THR B 334 -3.41 14.15 -9.48
CA THR B 334 -3.28 12.73 -9.29
C THR B 334 -3.10 12.42 -7.81
N GLY B 335 -3.93 11.52 -7.30
CA GLY B 335 -3.79 11.04 -5.94
C GLY B 335 -3.09 9.70 -5.92
N SER B 336 -2.70 9.28 -4.72
CA SER B 336 -1.97 8.05 -4.61
C SER B 336 -2.10 7.42 -3.24
N TRP B 337 -1.70 6.15 -3.14
CA TRP B 337 -1.80 5.45 -1.87
C TRP B 337 -0.80 5.96 -0.84
N ASP B 338 0.09 6.88 -1.22
CA ASP B 338 0.98 7.52 -0.26
C ASP B 338 0.33 8.69 0.46
N SER B 339 -0.93 9.00 0.17
CA SER B 339 -1.73 10.01 0.84
C SER B 339 -1.44 11.43 0.37
N PHE B 340 -0.73 11.62 -0.73
CA PHE B 340 -0.45 12.94 -1.28
C PHE B 340 -1.15 13.12 -2.62
N LEU B 341 -1.74 14.29 -2.82
CA LEU B 341 -2.22 14.72 -4.13
C LEU B 341 -1.23 15.70 -4.72
N LYS B 342 -1.07 15.63 -6.04
CA LYS B 342 -0.13 16.47 -6.75
C LYS B 342 -0.82 17.08 -7.96
N ILE B 343 -0.65 18.39 -8.14
CA ILE B 343 -1.16 19.11 -9.30
C ILE B 343 -0.03 19.24 -10.30
N TRP B 344 -0.26 18.80 -11.54
CA TRP B 344 0.73 18.84 -12.59
C TRP B 344 0.28 19.81 -13.67
N ASN B 345 1.24 20.40 -14.37
CA ASN B 345 0.93 21.38 -15.40
C ASN B 345 2.10 21.56 -16.35
N THR C 6 -35.05 -22.52 -13.77
CA THR C 6 -35.76 -21.40 -14.44
C THR C 6 -34.87 -20.17 -14.55
N ALA C 7 -33.96 -20.01 -13.59
CA ALA C 7 -33.07 -18.85 -13.58
C ALA C 7 -32.18 -18.84 -14.80
N SER C 8 -31.59 -19.99 -15.14
CA SER C 8 -30.66 -20.05 -16.26
C SER C 8 -31.36 -19.73 -17.58
N ILE C 9 -32.54 -20.31 -17.80
CA ILE C 9 -33.24 -20.08 -19.06
C ILE C 9 -33.71 -18.63 -19.16
N ALA C 10 -34.16 -18.05 -18.03
CA ALA C 10 -34.54 -16.63 -18.04
C ALA C 10 -33.33 -15.75 -18.36
N GLN C 11 -32.18 -16.08 -17.77
CA GLN C 11 -30.96 -15.32 -18.07
C GLN C 11 -30.62 -15.42 -19.55
N ALA C 12 -30.74 -16.63 -20.12
CA ALA C 12 -30.46 -16.82 -21.53
C ALA C 12 -31.42 -16.01 -22.40
N ARG C 13 -32.70 -16.00 -22.04
CA ARG C 13 -33.68 -15.23 -22.81
C ARG C 13 -33.36 -13.74 -22.77
N LYS C 14 -33.04 -13.22 -21.58
CA LYS C 14 -32.67 -11.81 -21.48
C LYS C 14 -31.40 -11.51 -22.26
N LEU C 15 -30.44 -12.44 -22.23
CA LEU C 15 -29.19 -12.23 -22.94
C LEU C 15 -29.42 -12.19 -24.45
N VAL C 16 -30.26 -13.08 -24.97
CA VAL C 16 -30.53 -13.09 -26.41
C VAL C 16 -31.31 -11.84 -26.80
N GLU C 17 -32.22 -11.38 -25.94
CA GLU C 17 -32.91 -10.13 -26.23
C GLU C 17 -31.94 -8.96 -26.31
N GLN C 18 -31.01 -8.87 -25.36
CA GLN C 18 -30.01 -7.81 -25.39
C GLN C 18 -29.12 -7.94 -26.62
N LEU C 19 -28.78 -9.16 -27.00
CA LEU C 19 -27.96 -9.37 -28.19
C LEU C 19 -28.69 -8.93 -29.45
N LYS C 20 -29.99 -9.20 -29.54
CA LYS C 20 -30.77 -8.68 -30.66
C LYS C 20 -30.77 -7.16 -30.68
N MET C 21 -30.99 -6.54 -29.51
CA MET C 21 -30.97 -5.08 -29.44
C MET C 21 -29.64 -4.52 -29.93
N GLU C 22 -28.54 -5.16 -29.55
CA GLU C 22 -27.22 -4.72 -30.01
C GLU C 22 -27.01 -4.99 -31.49
N ALA C 23 -27.51 -6.12 -32.00
CA ALA C 23 -27.34 -6.42 -33.41
C ALA C 23 -28.14 -5.47 -34.28
N ASN C 24 -29.18 -4.85 -33.73
CA ASN C 24 -29.95 -3.86 -34.48
C ASN C 24 -29.27 -2.50 -34.57
N ILE C 25 -28.05 -2.36 -34.04
CA ILE C 25 -27.37 -1.08 -34.07
C ILE C 25 -27.05 -0.68 -35.50
N ASP C 26 -27.04 0.63 -35.76
CA ASP C 26 -26.64 1.19 -37.06
C ASP C 26 -25.22 1.69 -36.93
N ARG C 27 -24.28 0.92 -37.46
CA ARG C 27 -22.86 1.19 -37.25
C ARG C 27 -22.29 2.07 -38.36
N ILE C 28 -21.17 2.73 -38.05
CA ILE C 28 -20.49 3.63 -38.96
C ILE C 28 -19.09 3.08 -39.24
N LYS C 29 -18.58 3.35 -40.43
CA LYS C 29 -17.26 2.85 -40.81
C LYS C 29 -16.19 3.44 -39.88
N VAL C 30 -15.18 2.62 -39.59
CA VAL C 30 -14.13 3.04 -38.67
C VAL C 30 -13.40 4.26 -39.21
N SER C 31 -13.29 4.37 -40.54
CA SER C 31 -12.60 5.51 -41.13
C SER C 31 -13.27 6.82 -40.77
N LYS C 32 -14.61 6.86 -40.84
CA LYS C 32 -15.32 8.08 -40.47
C LYS C 32 -15.15 8.41 -39.00
N ALA C 33 -15.18 7.39 -38.13
CA ALA C 33 -14.97 7.64 -36.71
C ALA C 33 -13.59 8.21 -36.44
N ALA C 34 -12.56 7.64 -37.07
CA ALA C 34 -11.21 8.16 -36.92
C ALA C 34 -11.11 9.57 -37.45
N ALA C 35 -11.75 9.86 -38.59
CA ALA C 35 -11.72 11.20 -39.14
C ALA C 35 -12.38 12.20 -38.19
N ASP C 36 -13.50 11.81 -37.58
CA ASP C 36 -14.19 12.71 -36.66
C ASP C 36 -13.35 12.98 -35.41
N LEU C 37 -12.74 11.94 -34.85
CA LEU C 37 -11.86 12.14 -33.69
C LEU C 37 -10.70 13.05 -34.06
N MET C 38 -10.09 12.82 -35.22
CA MET C 38 -8.98 13.66 -35.66
C MET C 38 -9.44 15.10 -35.85
N ALA C 39 -10.64 15.30 -36.41
CA ALA C 39 -11.14 16.65 -36.63
C ALA C 39 -11.36 17.35 -35.30
N TYR C 40 -11.93 16.66 -34.31
CA TYR C 40 -12.11 17.27 -32.99
C TYR C 40 -10.76 17.66 -32.39
N CYS C 41 -9.79 16.75 -32.45
CA CYS C 41 -8.48 17.06 -31.88
C CYS C 41 -7.84 18.25 -32.57
N GLU C 42 -7.91 18.29 -33.90
CA GLU C 42 -7.34 19.41 -34.64
C GLU C 42 -8.04 20.72 -34.28
N ALA C 43 -9.37 20.70 -34.21
CA ALA C 43 -10.11 21.92 -33.93
C ALA C 43 -9.79 22.46 -32.54
N HIS C 44 -9.68 21.57 -31.54
CA HIS C 44 -9.53 22.00 -30.16
C HIS C 44 -8.09 21.94 -29.67
N ALA C 45 -7.12 21.70 -30.55
CA ALA C 45 -5.72 21.72 -30.13
C ALA C 45 -5.32 23.07 -29.55
N LYS C 46 -5.78 24.17 -30.16
CA LYS C 46 -5.38 25.50 -29.72
C LYS C 46 -6.00 25.92 -28.40
N GLU C 47 -6.76 25.03 -27.73
CA GLU C 47 -7.38 25.34 -26.46
C GLU C 47 -7.04 24.31 -25.39
N ASP C 48 -5.91 23.61 -25.54
CA ASP C 48 -5.49 22.58 -24.59
C ASP C 48 -4.19 23.04 -23.93
N PRO C 49 -4.24 23.59 -22.72
CA PRO C 49 -3.00 24.04 -22.07
C PRO C 49 -1.98 22.94 -21.88
N LEU C 50 -2.40 21.69 -21.75
CA LEU C 50 -1.45 20.60 -21.53
C LEU C 50 -0.66 20.27 -22.79
N LEU C 51 -1.30 20.33 -23.96
CA LEU C 51 -0.57 20.11 -25.20
C LEU C 51 0.50 21.17 -25.41
N THR C 52 0.11 22.44 -25.31
CA THR C 52 1.01 23.57 -25.53
C THR C 52 1.07 24.36 -24.22
N PRO C 53 2.12 24.17 -23.41
CA PRO C 53 2.18 24.88 -22.12
C PRO C 53 1.98 26.38 -22.27
N VAL C 54 1.04 26.94 -21.50
CA VAL C 54 0.78 28.37 -21.54
C VAL C 54 1.90 29.08 -20.79
N PRO C 55 2.16 30.35 -21.07
CA PRO C 55 3.20 31.07 -20.33
C PRO C 55 2.89 31.11 -18.84
N ALA C 56 3.94 31.14 -18.03
CA ALA C 56 3.76 31.16 -16.58
C ALA C 56 2.92 32.34 -16.13
N SER C 57 2.90 33.42 -16.93
CA SER C 57 2.11 34.59 -16.59
C SER C 57 0.61 34.32 -16.64
N GLU C 58 0.18 33.29 -17.37
CA GLU C 58 -1.24 33.02 -17.57
C GLU C 58 -1.75 31.78 -16.84
N ASN C 59 -0.88 30.83 -16.51
CA ASN C 59 -1.38 29.70 -15.74
C ASN C 59 -1.57 30.09 -14.27
N PRO C 60 -2.53 29.52 -13.57
CA PRO C 60 -2.70 29.86 -12.14
C PRO C 60 -1.77 29.09 -11.22
N PHE C 61 -1.25 27.94 -11.65
CA PHE C 61 -0.40 27.11 -10.82
C PHE C 61 1.08 27.44 -11.00
N ARG C 62 1.42 28.71 -10.82
CA ARG C 62 2.79 29.16 -10.98
C ARG C 62 3.69 28.55 -9.91
N GLN D 2 -12.93 -11.02 -27.08
CA GLN D 2 -13.78 -11.40 -25.91
C GLN D 2 -13.25 -12.69 -25.27
N VAL D 3 -13.02 -12.63 -23.96
CA VAL D 3 -12.49 -13.79 -23.25
C VAL D 3 -13.54 -14.88 -23.23
N GLN D 4 -13.17 -16.06 -23.71
CA GLN D 4 -14.06 -17.21 -23.71
C GLN D 4 -13.23 -18.48 -23.57
N LEU D 5 -13.77 -19.43 -22.79
CA LEU D 5 -13.12 -20.71 -22.55
C LEU D 5 -14.13 -21.82 -22.85
N GLN D 6 -13.71 -22.80 -23.64
CA GLN D 6 -14.59 -23.89 -24.09
C GLN D 6 -13.98 -25.22 -23.65
N GLU D 7 -14.59 -25.85 -22.65
CA GLU D 7 -14.18 -27.20 -22.27
C GLU D 7 -14.76 -28.21 -23.25
N SER D 8 -14.14 -29.39 -23.29
CA SER D 8 -14.61 -30.48 -24.14
C SER D 8 -14.31 -31.80 -23.47
N GLY D 9 -15.04 -32.83 -23.87
CA GLY D 9 -14.91 -34.14 -23.27
C GLY D 9 -15.86 -34.33 -22.11
N GLY D 10 -16.14 -35.57 -21.77
CA GLY D 10 -17.06 -35.88 -20.69
C GLY D 10 -17.89 -37.10 -21.03
N GLY D 11 -19.11 -37.11 -20.51
CA GLY D 11 -20.03 -38.21 -20.74
C GLY D 11 -19.85 -39.32 -19.72
N LEU D 12 -20.63 -40.38 -19.93
CA LEU D 12 -20.61 -41.51 -19.01
C LEU D 12 -19.27 -42.24 -19.10
N VAL D 13 -18.88 -42.86 -17.98
CA VAL D 13 -17.67 -43.67 -17.92
C VAL D 13 -17.79 -44.62 -16.74
N GLN D 14 -17.21 -45.80 -16.87
CA GLN D 14 -17.26 -46.77 -15.80
C GLN D 14 -16.26 -46.40 -14.70
N PRO D 15 -16.51 -46.81 -13.46
CA PRO D 15 -15.53 -46.57 -12.40
C PRO D 15 -14.19 -47.19 -12.76
N GLY D 16 -13.11 -46.48 -12.45
CA GLY D 16 -11.78 -46.89 -12.86
C GLY D 16 -11.41 -46.49 -14.27
N GLY D 17 -12.32 -45.87 -15.02
CA GLY D 17 -12.02 -45.43 -16.37
C GLY D 17 -11.19 -44.17 -16.39
N SER D 18 -10.95 -43.68 -17.61
CA SER D 18 -10.10 -42.52 -17.83
C SER D 18 -10.78 -41.54 -18.76
N LEU D 19 -10.52 -40.25 -18.54
CA LEU D 19 -11.00 -39.19 -19.40
C LEU D 19 -9.90 -38.17 -19.60
N ARG D 20 -10.00 -37.43 -20.71
CA ARG D 20 -9.03 -36.39 -21.07
C ARG D 20 -9.81 -35.11 -21.34
N LEU D 21 -10.04 -34.32 -20.30
CA LEU D 21 -10.74 -33.05 -20.47
C LEU D 21 -9.81 -32.02 -21.06
N SER D 22 -10.32 -31.26 -22.03
CA SER D 22 -9.54 -30.23 -22.72
C SER D 22 -10.33 -28.93 -22.75
N CYS D 23 -9.61 -27.82 -22.69
CA CYS D 23 -10.21 -26.49 -22.76
C CYS D 23 -9.47 -25.68 -23.81
N ALA D 24 -10.22 -25.09 -24.74
CA ALA D 24 -9.65 -24.20 -25.74
C ALA D 24 -9.93 -22.76 -25.34
N ALA D 25 -8.87 -21.99 -25.13
CA ALA D 25 -8.98 -20.62 -24.64
C ALA D 25 -8.62 -19.64 -25.74
N SER D 26 -9.36 -18.53 -25.79
CA SER D 26 -9.12 -17.49 -26.78
C SER D 26 -9.54 -16.15 -26.20
N GLY D 27 -9.06 -15.08 -26.82
CA GLY D 27 -9.38 -13.74 -26.39
C GLY D 27 -8.41 -13.15 -25.39
N PHE D 28 -7.39 -13.89 -24.96
CA PHE D 28 -6.40 -13.38 -24.03
C PHE D 28 -5.09 -14.13 -24.24
N THR D 29 -4.01 -13.53 -23.75
CA THR D 29 -2.69 -14.15 -23.83
C THR D 29 -2.66 -15.33 -22.87
N PHE D 30 -2.82 -16.54 -23.42
CA PHE D 30 -2.99 -17.72 -22.58
C PHE D 30 -1.79 -17.95 -21.67
N SER D 31 -0.60 -17.51 -22.08
CA SER D 31 0.61 -17.80 -21.32
C SER D 31 0.84 -16.84 -20.16
N ASN D 32 0.02 -15.80 -20.02
CA ASN D 32 0.24 -14.80 -18.98
C ASN D 32 -0.50 -15.11 -17.69
N TYR D 33 -1.34 -16.13 -17.65
CA TYR D 33 -2.24 -16.37 -16.54
C TYR D 33 -2.07 -17.79 -16.01
N LYS D 34 -2.32 -17.96 -14.71
CA LYS D 34 -2.52 -19.28 -14.16
C LYS D 34 -3.83 -19.84 -14.72
N MET D 35 -3.95 -21.17 -14.67
CA MET D 35 -5.15 -21.84 -15.14
C MET D 35 -5.57 -22.86 -14.10
N ASN D 36 -6.88 -22.97 -13.87
CA ASN D 36 -7.41 -23.83 -12.81
C ASN D 36 -8.50 -24.72 -13.38
N TRP D 37 -8.74 -25.82 -12.68
CA TRP D 37 -9.89 -26.68 -12.92
C TRP D 37 -10.75 -26.72 -11.66
N VAL D 38 -12.03 -26.43 -11.83
CA VAL D 38 -12.99 -26.46 -10.74
C VAL D 38 -14.18 -27.30 -11.18
N ARG D 39 -14.88 -27.88 -10.21
CA ARG D 39 -16.00 -28.76 -10.48
C ARG D 39 -17.09 -28.52 -9.45
N GLN D 40 -18.32 -28.87 -9.83
CA GLN D 40 -19.49 -28.69 -8.98
C GLN D 40 -20.34 -29.95 -9.06
N ALA D 41 -20.23 -30.79 -8.03
CA ALA D 41 -21.06 -31.99 -7.97
C ALA D 41 -22.51 -31.60 -7.71
N PRO D 42 -23.46 -32.48 -8.06
CA PRO D 42 -24.87 -32.13 -7.88
C PRO D 42 -25.17 -31.79 -6.42
N GLY D 43 -25.96 -30.74 -6.23
CA GLY D 43 -26.35 -30.34 -4.89
C GLY D 43 -25.22 -29.82 -4.03
N LYS D 44 -24.12 -29.39 -4.63
CA LYS D 44 -22.97 -28.90 -3.88
C LYS D 44 -22.41 -27.66 -4.57
N GLY D 45 -21.60 -26.92 -3.82
CA GLY D 45 -20.97 -25.73 -4.36
C GLY D 45 -19.74 -26.05 -5.19
N LEU D 46 -19.25 -25.01 -5.87
CA LEU D 46 -18.07 -25.17 -6.71
C LEU D 46 -16.86 -25.55 -5.87
N GLU D 47 -16.08 -26.50 -6.37
CA GLU D 47 -14.91 -27.02 -5.67
C GLU D 47 -13.69 -26.90 -6.57
N TRP D 48 -12.61 -26.34 -6.03
CA TRP D 48 -11.36 -26.23 -6.77
C TRP D 48 -10.69 -27.60 -6.85
N VAL D 49 -10.33 -28.00 -8.07
CA VAL D 49 -9.78 -29.33 -8.31
C VAL D 49 -8.28 -29.30 -8.53
N SER D 50 -7.80 -28.41 -9.41
CA SER D 50 -6.38 -28.39 -9.75
C SER D 50 -5.97 -26.99 -10.15
N ASP D 51 -4.66 -26.81 -10.33
CA ASP D 51 -4.09 -25.51 -10.65
C ASP D 51 -2.77 -25.74 -11.36
N ILE D 52 -2.38 -24.77 -12.19
CA ILE D 52 -1.11 -24.85 -12.91
C ILE D 52 -0.61 -23.43 -13.23
N SER D 53 0.70 -23.23 -13.13
CA SER D 53 1.25 -21.89 -13.28
C SER D 53 1.27 -21.47 -14.74
N GLN D 54 1.87 -20.30 -14.99
CA GLN D 54 1.95 -19.76 -16.34
C GLN D 54 2.74 -20.69 -17.26
N SER D 55 3.92 -21.12 -16.80
CA SER D 55 4.78 -21.99 -17.59
C SER D 55 4.58 -23.47 -17.29
N GLY D 56 3.68 -23.82 -16.39
CA GLY D 56 3.50 -25.20 -15.98
C GLY D 56 4.50 -25.69 -14.96
N ALA D 57 5.39 -24.83 -14.46
CA ALA D 57 6.42 -25.27 -13.53
C ALA D 57 5.83 -25.75 -12.21
N SER D 58 4.82 -25.06 -11.68
CA SER D 58 4.24 -25.40 -10.39
C SER D 58 2.78 -25.76 -10.57
N ILE D 59 2.37 -26.88 -9.99
CA ILE D 59 1.01 -27.39 -10.12
C ILE D 59 0.52 -27.84 -8.74
N SER D 60 -0.78 -27.94 -8.59
CA SER D 60 -1.39 -28.32 -7.32
C SER D 60 -2.68 -29.09 -7.57
N TYR D 61 -3.09 -29.86 -6.57
CA TYR D 61 -4.30 -30.65 -6.65
C TYR D 61 -5.00 -30.67 -5.30
N THR D 62 -6.30 -30.91 -5.31
CA THR D 62 -7.03 -31.14 -4.08
C THR D 62 -6.74 -32.55 -3.57
N GLY D 63 -6.94 -32.73 -2.25
CA GLY D 63 -6.55 -33.97 -1.62
C GLY D 63 -7.20 -35.19 -2.24
N SER D 64 -8.49 -35.12 -2.56
CA SER D 64 -9.20 -36.27 -3.11
C SER D 64 -8.79 -36.58 -4.54
N VAL D 65 -8.00 -35.73 -5.17
CA VAL D 65 -7.61 -35.91 -6.56
C VAL D 65 -6.16 -36.32 -6.74
N LYS D 66 -5.29 -36.09 -5.75
CA LYS D 66 -3.88 -36.41 -5.90
C LYS D 66 -3.70 -37.87 -6.27
N GLY D 67 -2.83 -38.13 -7.25
CA GLY D 67 -2.55 -39.46 -7.70
C GLY D 67 -3.46 -39.99 -8.79
N ARG D 68 -4.59 -39.32 -9.05
CA ARG D 68 -5.54 -39.76 -10.07
C ARG D 68 -5.56 -38.81 -11.26
N PHE D 69 -5.75 -37.52 -11.02
CA PHE D 69 -5.73 -36.54 -12.09
C PHE D 69 -4.35 -35.90 -12.22
N THR D 70 -4.06 -35.41 -13.42
CA THR D 70 -2.83 -34.66 -13.66
C THR D 70 -3.13 -33.56 -14.68
N ILE D 71 -2.81 -32.33 -14.31
CA ILE D 71 -3.12 -31.16 -15.13
C ILE D 71 -1.95 -30.90 -16.07
N SER D 72 -2.27 -30.47 -17.29
CA SER D 72 -1.25 -30.17 -18.29
C SER D 72 -1.63 -28.89 -19.01
N ARG D 73 -0.62 -28.19 -19.50
CA ARG D 73 -0.79 -26.90 -20.16
C ARG D 73 0.03 -26.87 -21.44
N ASP D 74 -0.54 -26.32 -22.50
CA ASP D 74 0.13 -26.18 -23.79
C ASP D 74 -0.05 -24.74 -24.26
N ASN D 75 0.92 -23.88 -23.93
CA ASN D 75 0.83 -22.47 -24.26
C ASN D 75 0.82 -22.21 -25.76
N ALA D 76 1.56 -22.99 -26.54
CA ALA D 76 1.59 -22.79 -27.98
C ALA D 76 0.21 -22.98 -28.59
N LYS D 77 -0.51 -23.99 -28.13
CA LYS D 77 -1.85 -24.28 -28.65
C LYS D 77 -2.96 -23.59 -27.86
N ASN D 78 -2.63 -22.92 -26.76
CA ASN D 78 -3.63 -22.25 -25.92
C ASN D 78 -4.69 -23.24 -25.46
N THR D 79 -4.23 -24.39 -24.95
CA THR D 79 -5.12 -25.46 -24.51
C THR D 79 -4.71 -25.94 -23.13
N LEU D 80 -5.71 -26.22 -22.29
CA LEU D 80 -5.50 -26.75 -20.96
C LEU D 80 -6.14 -28.13 -20.86
N TYR D 81 -5.40 -29.08 -20.30
CA TYR D 81 -5.84 -30.47 -20.22
C TYR D 81 -5.97 -30.92 -18.78
N LEU D 82 -6.86 -31.87 -18.55
CA LEU D 82 -7.01 -32.55 -17.27
C LEU D 82 -7.15 -34.05 -17.54
N GLN D 83 -6.03 -34.76 -17.46
CA GLN D 83 -6.05 -36.21 -17.61
C GLN D 83 -6.62 -36.83 -16.33
N MET D 84 -7.78 -37.45 -16.44
CA MET D 84 -8.52 -37.97 -15.30
C MET D 84 -8.46 -39.50 -15.33
N ASN D 85 -7.65 -40.07 -14.45
CA ASN D 85 -7.53 -41.51 -14.34
C ASN D 85 -8.19 -42.02 -13.07
N SER D 86 -8.51 -43.32 -13.07
CA SER D 86 -9.07 -44.00 -11.90
C SER D 86 -10.31 -43.27 -11.39
N LEU D 87 -11.24 -43.01 -12.29
CA LEU D 87 -12.43 -42.26 -11.95
C LEU D 87 -13.29 -43.04 -10.96
N LYS D 88 -14.01 -42.31 -10.12
CA LYS D 88 -14.83 -42.86 -9.06
C LYS D 88 -16.20 -42.20 -9.10
N PRO D 89 -17.22 -42.83 -8.52
CA PRO D 89 -18.58 -42.27 -8.62
C PRO D 89 -18.69 -40.86 -8.06
N GLU D 90 -17.90 -40.53 -7.03
CA GLU D 90 -17.97 -39.18 -6.45
C GLU D 90 -17.39 -38.11 -7.37
N ASP D 91 -16.75 -38.49 -8.47
CA ASP D 91 -16.25 -37.53 -9.43
C ASP D 91 -17.33 -37.03 -10.39
N THR D 92 -18.56 -37.52 -10.27
CA THR D 92 -19.65 -37.07 -11.12
C THR D 92 -19.96 -35.60 -10.85
N ALA D 93 -19.58 -34.72 -11.78
CA ALA D 93 -19.76 -33.30 -11.58
C ALA D 93 -19.51 -32.58 -12.90
N VAL D 94 -19.98 -31.34 -12.97
CA VAL D 94 -19.69 -30.47 -14.10
C VAL D 94 -18.33 -29.83 -13.87
N TYR D 95 -17.44 -29.98 -14.85
CA TYR D 95 -16.07 -29.50 -14.73
C TYR D 95 -15.90 -28.20 -15.50
N TYR D 96 -15.45 -27.16 -14.81
CA TYR D 96 -15.23 -25.85 -15.40
C TYR D 96 -13.74 -25.54 -15.39
N CYS D 97 -13.29 -24.79 -16.38
CA CYS D 97 -11.93 -24.29 -16.42
C CYS D 97 -11.94 -22.81 -16.10
N ALA D 98 -11.15 -22.40 -15.11
CA ALA D 98 -11.19 -21.05 -14.57
C ALA D 98 -9.90 -20.32 -14.90
N ARG D 99 -10.03 -19.11 -15.44
CA ARG D 99 -8.90 -18.26 -15.74
C ARG D 99 -8.55 -17.42 -14.52
N CYS D 100 -7.25 -17.22 -14.30
CA CYS D 100 -6.82 -16.36 -13.22
C CYS D 100 -7.26 -14.92 -13.52
N PRO D 101 -7.81 -14.20 -12.54
CA PRO D 101 -8.40 -12.89 -12.87
C PRO D 101 -7.42 -11.91 -13.49
N ALA D 102 -6.16 -11.91 -13.07
CA ALA D 102 -5.18 -10.96 -13.58
C ALA D 102 -3.92 -11.68 -14.04
N PRO D 103 -3.18 -11.10 -14.98
CA PRO D 103 -1.96 -11.76 -15.46
C PRO D 103 -0.78 -11.54 -14.50
N PHE D 104 0.14 -12.49 -14.53
CA PHE D 104 1.39 -12.40 -13.79
C PHE D 104 1.18 -12.50 -12.28
N THR D 105 -0.05 -12.72 -11.85
CA THR D 105 -0.33 -12.83 -10.42
C THR D 105 -0.19 -14.28 -9.96
N ARG D 106 0.11 -14.43 -8.67
CA ARG D 106 0.26 -15.75 -8.08
C ARG D 106 -0.99 -16.21 -7.33
N ASP D 107 -1.89 -15.29 -7.02
CA ASP D 107 -3.13 -15.65 -6.35
C ASP D 107 -4.26 -15.81 -7.36
N CYS D 108 -5.25 -16.62 -6.98
CA CYS D 108 -6.47 -16.83 -7.76
C CYS D 108 -7.63 -16.69 -6.79
N PHE D 109 -8.16 -15.47 -6.70
CA PHE D 109 -9.12 -15.15 -5.65
C PHE D 109 -10.47 -15.80 -5.91
N ASP D 110 -11.13 -15.44 -7.00
CA ASP D 110 -12.54 -15.67 -7.18
C ASP D 110 -12.84 -16.77 -8.20
N VAL D 111 -11.88 -17.65 -8.49
CA VAL D 111 -12.09 -18.64 -9.53
C VAL D 111 -13.27 -19.55 -9.21
N THR D 112 -13.52 -19.81 -7.92
CA THR D 112 -14.56 -20.73 -7.50
C THR D 112 -15.87 -20.05 -7.11
N SER D 113 -16.00 -18.75 -7.39
CA SER D 113 -17.21 -18.04 -7.02
C SER D 113 -18.38 -18.51 -7.87
N THR D 114 -19.60 -18.17 -7.43
CA THR D 114 -20.79 -18.65 -8.10
C THR D 114 -20.89 -18.12 -9.53
N THR D 115 -20.58 -16.85 -9.74
CA THR D 115 -20.72 -16.23 -11.05
C THR D 115 -19.42 -15.60 -11.53
N TYR D 116 -18.31 -16.29 -11.35
CA TYR D 116 -17.02 -15.80 -11.83
C TYR D 116 -17.09 -15.57 -13.34
N ALA D 117 -16.51 -14.46 -13.79
CA ALA D 117 -16.67 -14.06 -15.18
C ALA D 117 -15.80 -14.87 -16.12
N TYR D 118 -14.58 -15.19 -15.70
CA TYR D 118 -13.60 -15.83 -16.57
C TYR D 118 -13.58 -17.35 -16.43
N ARG D 119 -14.73 -17.94 -16.12
CA ARG D 119 -14.86 -19.40 -16.11
C ARG D 119 -15.44 -19.87 -17.44
N GLY D 120 -15.25 -21.15 -17.72
CA GLY D 120 -15.81 -21.75 -18.92
C GLY D 120 -17.28 -22.08 -18.73
N GLN D 121 -17.87 -22.61 -19.80
CA GLN D 121 -19.27 -23.01 -19.76
C GLN D 121 -19.47 -24.29 -18.97
N GLY D 122 -18.49 -25.17 -18.94
CA GLY D 122 -18.57 -26.40 -18.16
C GLY D 122 -18.94 -27.60 -19.00
N THR D 123 -18.37 -28.74 -18.64
CA THR D 123 -18.65 -30.02 -19.29
C THR D 123 -19.00 -31.04 -18.23
N GLN D 124 -20.04 -31.83 -18.49
CA GLN D 124 -20.57 -32.76 -17.51
C GLN D 124 -19.84 -34.09 -17.60
N VAL D 125 -19.39 -34.59 -16.44
CA VAL D 125 -18.72 -35.88 -16.34
C VAL D 125 -19.52 -36.75 -15.40
N THR D 126 -19.85 -37.97 -15.84
CA THR D 126 -20.63 -38.90 -15.05
C THR D 126 -19.89 -40.22 -14.96
N VAL D 127 -19.84 -40.80 -13.76
CA VAL D 127 -19.21 -42.09 -13.53
C VAL D 127 -20.27 -43.05 -13.00
N SER D 128 -20.46 -44.16 -13.71
CA SER D 128 -21.45 -45.17 -13.31
C SER D 128 -21.16 -45.68 -11.90
N SER E 19 59.70 19.29 10.83
CA SER E 19 59.03 18.22 10.03
C SER E 19 57.95 18.81 9.14
N ASN E 20 58.38 19.57 8.14
CA ASN E 20 57.42 20.26 7.27
C ASN E 20 56.56 19.28 6.49
N ASP E 21 57.18 18.24 5.93
CA ASP E 21 56.42 17.30 5.11
C ASP E 21 55.40 16.53 5.94
N VAL E 22 55.81 16.08 7.13
CA VAL E 22 54.91 15.30 7.98
C VAL E 22 53.73 16.18 8.42
N ARG E 23 54.00 17.43 8.79
CA ARG E 23 52.92 18.29 9.23
C ARG E 23 52.01 18.68 8.06
N ALA E 24 52.56 18.81 6.85
CA ALA E 24 51.71 19.03 5.68
C ALA E 24 50.81 17.82 5.44
N SER E 25 51.34 16.61 5.59
CA SER E 25 50.52 15.42 5.46
C SER E 25 49.43 15.37 6.52
N LEU E 26 49.76 15.76 7.75
CA LEU E 26 48.76 15.82 8.82
C LEU E 26 47.67 16.84 8.48
N TYR E 27 48.08 18.00 7.96
CA TYR E 27 47.11 19.00 7.54
C TYR E 27 46.18 18.45 6.48
N SER E 28 46.74 17.73 5.49
CA SER E 28 45.92 17.13 4.44
C SER E 28 44.95 16.11 5.03
N LEU E 29 45.42 15.28 5.95
CA LEU E 29 44.56 14.26 6.55
C LEU E 29 43.40 14.89 7.31
N MET E 30 43.69 15.90 8.12
CA MET E 30 42.63 16.57 8.87
C MET E 30 41.68 17.32 7.94
N VAL E 31 42.21 17.88 6.85
CA VAL E 31 41.34 18.52 5.86
C VAL E 31 40.39 17.49 5.26
N LEU E 32 40.91 16.30 4.95
CA LEU E 32 40.07 15.24 4.42
C LEU E 32 38.98 14.87 5.42
N ILE E 33 39.34 14.75 6.69
CA ILE E 33 38.36 14.39 7.72
C ILE E 33 37.27 15.45 7.81
N ILE E 34 37.66 16.72 7.83
CA ILE E 34 36.67 17.80 7.90
C ILE E 34 35.77 17.76 6.68
N LEU E 35 36.35 17.53 5.50
CA LEU E 35 35.56 17.51 4.27
C LEU E 35 34.53 16.39 4.31
N THR E 36 34.95 15.18 4.71
CA THR E 36 33.99 14.08 4.75
C THR E 36 32.89 14.36 5.77
N THR E 37 33.25 14.87 6.94
CA THR E 37 32.22 15.18 7.94
C THR E 37 31.22 16.18 7.38
N LEU E 38 31.72 17.31 6.86
CA LEU E 38 30.82 18.36 6.37
C LEU E 38 29.94 17.84 5.25
N VAL E 39 30.54 17.13 4.28
CA VAL E 39 29.76 16.68 3.13
C VAL E 39 28.69 15.69 3.58
N GLY E 40 29.09 14.63 4.28
CA GLY E 40 28.11 13.62 4.67
C GLY E 40 26.98 14.20 5.48
N ASN E 41 27.30 15.07 6.43
CA ASN E 41 26.23 15.72 7.19
C ASN E 41 25.35 16.59 6.30
N LEU E 42 25.94 17.25 5.29
CA LEU E 42 25.12 18.06 4.39
C LEU E 42 24.15 17.21 3.59
N ILE E 43 24.62 16.06 3.07
CA ILE E 43 23.70 15.15 2.39
C ILE E 43 22.59 14.70 3.32
N VAL E 44 22.94 14.33 4.56
CA VAL E 44 21.90 13.88 5.49
C VAL E 44 20.86 14.98 5.70
N ILE E 45 21.34 16.19 6.00
CA ILE E 45 20.42 17.30 6.29
C ILE E 45 19.52 17.57 5.10
N VAL E 46 20.12 17.70 3.91
CA VAL E 46 19.35 18.07 2.73
C VAL E 46 18.35 16.97 2.39
N SER E 47 18.78 15.71 2.45
CA SER E 47 17.89 14.61 2.10
C SER E 47 16.71 14.53 3.05
N ILE E 48 16.96 14.64 4.36
CA ILE E 48 15.87 14.53 5.32
C ILE E 48 14.94 15.74 5.21
N SER E 49 15.50 16.94 5.03
CA SER E 49 14.67 18.15 4.99
C SER E 49 13.91 18.26 3.68
N HIS E 50 14.43 17.68 2.60
CA HIS E 50 13.80 17.87 1.29
C HIS E 50 12.60 16.95 1.10
N PHE E 51 12.80 15.65 1.29
CA PHE E 51 11.77 14.66 1.00
C PHE E 51 10.72 14.67 2.10
N LYS E 52 9.44 14.82 1.71
CA LYS E 52 8.36 14.63 2.66
C LYS E 52 8.14 13.16 2.98
N GLN E 53 8.73 12.25 2.19
CA GLN E 53 8.68 10.83 2.52
C GLN E 53 9.42 10.56 3.82
N LEU E 54 10.52 11.26 4.06
CA LEU E 54 11.35 11.04 5.24
C LEU E 54 10.94 11.91 6.42
N HIS E 55 9.90 12.73 6.29
CA HIS E 55 9.48 13.64 7.36
C HIS E 55 8.73 12.84 8.43
N THR E 56 9.51 12.29 9.36
CA THR E 56 8.98 11.53 10.48
C THR E 56 9.85 11.84 11.70
N PRO E 57 9.30 11.74 12.91
CA PRO E 57 10.04 12.25 14.09
C PRO E 57 11.42 11.65 14.27
N THR E 58 11.59 10.35 14.03
CA THR E 58 12.92 9.76 14.16
C THR E 58 13.89 10.36 13.16
N ASN E 59 13.43 10.54 11.92
CA ASN E 59 14.27 11.18 10.92
C ASN E 59 14.60 12.62 11.30
N TRP E 60 13.72 13.29 12.06
CA TRP E 60 14.05 14.64 12.51
C TRP E 60 15.07 14.62 13.64
N LEU E 61 15.04 13.59 14.51
CA LEU E 61 16.13 13.42 15.46
C LEU E 61 17.46 13.23 14.73
N ILE E 62 17.45 12.41 13.69
CA ILE E 62 18.67 12.18 12.91
C ILE E 62 19.10 13.47 12.22
N HIS E 63 18.14 14.26 11.74
CA HIS E 63 18.45 15.53 11.10
C HIS E 63 19.10 16.50 12.08
N SER E 64 18.58 16.57 13.30
CA SER E 64 19.19 17.44 14.31
C SER E 64 20.59 16.97 14.66
N MET E 65 20.80 15.65 14.76
CA MET E 65 22.14 15.14 15.01
C MET E 65 23.08 15.50 13.87
N ALA E 66 22.60 15.41 12.63
CA ALA E 66 23.42 15.79 11.49
C ALA E 66 23.75 17.27 11.52
N THR E 67 22.80 18.10 11.94
CA THR E 67 23.08 19.53 12.08
C THR E 67 24.17 19.77 13.11
N VAL E 68 24.09 19.09 14.25
CA VAL E 68 25.11 19.24 15.27
C VAL E 68 26.48 18.84 14.71
N ASP E 69 26.52 17.73 13.98
CA ASP E 69 27.79 17.27 13.41
C ASP E 69 28.33 18.24 12.38
N PHE E 70 27.46 18.81 11.54
CA PHE E 70 27.91 19.77 10.53
C PHE E 70 28.46 21.03 11.19
N LEU E 71 27.79 21.51 12.23
CA LEU E 71 28.28 22.68 12.93
C LEU E 71 29.59 22.40 13.66
N LEU E 72 29.76 21.17 14.17
CA LEU E 72 31.06 20.79 14.70
C LEU E 72 32.12 20.80 13.61
N GLY E 73 31.75 20.32 12.41
CA GLY E 73 32.72 20.28 11.32
C GLY E 73 33.18 21.65 10.89
N CYS E 74 32.26 22.59 10.75
CA CYS E 74 32.59 23.90 10.20
C CYS E 74 33.03 24.92 11.24
N LEU E 75 32.48 24.85 12.47
CA LEU E 75 32.77 25.88 13.46
C LEU E 75 33.89 25.50 14.43
N VAL E 76 34.30 24.23 14.47
CA VAL E 76 35.21 23.77 15.52
C VAL E 76 36.45 23.11 14.92
N MET E 77 36.25 22.13 14.05
CA MET E 77 37.37 21.31 13.59
C MET E 77 38.51 22.11 12.97
N PRO E 78 38.29 23.05 12.05
CA PRO E 78 39.45 23.69 11.40
C PRO E 78 40.38 24.39 12.38
N TYR E 79 39.83 25.05 13.40
CA TYR E 79 40.69 25.73 14.36
C TYR E 79 41.47 24.74 15.22
N SER E 80 40.86 23.61 15.56
CA SER E 80 41.60 22.57 16.26
C SER E 80 42.67 21.95 15.36
N MET E 81 42.43 21.93 14.05
CA MET E 81 43.47 21.49 13.11
C MET E 81 44.64 22.45 13.13
N VAL E 82 44.36 23.75 13.10
CA VAL E 82 45.44 24.73 13.21
C VAL E 82 46.20 24.54 14.52
N ARG E 83 45.47 24.34 15.61
CA ARG E 83 46.12 24.10 16.90
C ARG E 83 47.00 22.85 16.85
N SER E 84 46.53 21.79 16.20
CA SER E 84 47.27 20.54 16.17
C SER E 84 48.49 20.61 15.26
N ALA E 85 48.34 21.19 14.07
CA ALA E 85 49.44 21.27 13.12
C ALA E 85 50.49 22.31 13.51
N GLU E 86 50.07 23.46 14.01
CA GLU E 86 51.01 24.49 14.45
C GLU E 86 51.37 24.38 15.92
N HIS E 87 50.71 23.50 16.67
CA HIS E 87 51.01 23.24 18.07
C HIS E 87 50.84 24.48 18.93
N CYS E 88 50.10 25.48 18.46
CA CYS E 88 49.87 26.70 19.22
C CYS E 88 48.62 27.39 18.72
N TRP E 89 48.13 28.34 19.50
CA TRP E 89 46.88 29.03 19.24
C TRP E 89 47.16 30.42 18.68
N TYR E 90 46.57 30.73 17.54
CA TYR E 90 46.78 32.01 16.87
C TYR E 90 45.62 32.99 17.04
N PHE E 91 44.53 32.59 17.69
CA PHE E 91 43.28 33.33 17.62
C PHE E 91 42.94 34.10 18.89
N GLY E 92 43.75 34.00 19.93
CA GLY E 92 43.57 34.83 21.12
C GLY E 92 42.70 34.17 22.18
N GLU E 93 42.73 34.77 23.38
CA GLU E 93 42.04 34.20 24.53
C GLU E 93 40.53 34.17 24.32
N VAL E 94 39.96 35.27 23.82
CA VAL E 94 38.51 35.36 23.68
C VAL E 94 38.00 34.27 22.74
N PHE E 95 38.62 34.15 21.57
CA PHE E 95 38.17 33.15 20.62
C PHE E 95 38.49 31.74 21.09
N CYS E 96 39.55 31.56 21.88
CA CYS E 96 39.78 30.24 22.47
C CYS E 96 38.65 29.86 23.42
N LYS E 97 38.22 30.81 24.26
CA LYS E 97 37.11 30.51 25.16
C LYS E 97 35.87 30.17 24.36
N ILE E 98 35.58 30.94 23.31
CA ILE E 98 34.41 30.67 22.48
C ILE E 98 34.53 29.28 21.85
N HIS E 99 35.74 28.94 21.36
CA HIS E 99 35.93 27.68 20.66
C HIS E 99 35.81 26.50 21.60
N THR E 100 36.38 26.60 22.80
CA THR E 100 36.24 25.53 23.78
C THR E 100 34.78 25.34 24.17
N SER E 101 34.06 26.45 24.39
CA SER E 101 32.64 26.34 24.73
C SER E 101 31.86 25.67 23.62
N THR E 102 32.10 26.07 22.36
CA THR E 102 31.40 25.46 21.24
C THR E 102 31.76 23.98 21.09
N ASP E 103 33.12 23.64 21.33
CA ASP E 103 33.59 22.26 21.29
C ASP E 103 32.77 21.43 22.25
N ILE E 104 32.77 21.79 23.46
CA ILE E 104 32.10 21.01 24.49
C ILE E 104 30.60 20.92 24.20
N MET E 105 30.00 22.05 23.86
CA MET E 105 28.57 22.09 23.58
C MET E 105 28.20 21.10 22.48
N LEU E 106 28.91 21.16 21.36
CA LEU E 106 28.51 20.36 20.20
C LEU E 106 28.84 18.88 20.41
N SER E 107 29.96 18.56 21.07
CA SER E 107 30.24 17.16 21.38
C SER E 107 29.16 16.57 22.27
N SER E 108 28.82 17.28 23.35
CA SER E 108 27.79 16.78 24.25
C SER E 108 26.43 16.73 23.55
N ALA E 109 26.14 17.66 22.65
CA ALA E 109 24.88 17.63 21.91
C ALA E 109 24.83 16.41 21.01
N SER E 110 25.93 16.07 20.35
CA SER E 110 25.96 14.87 19.51
C SER E 110 25.74 13.62 20.35
N ILE E 111 26.40 13.55 21.51
CA ILE E 111 26.22 12.39 22.38
C ILE E 111 24.78 12.28 22.87
N PHE E 112 24.19 13.43 23.22
CA PHE E 112 22.79 13.43 23.65
C PHE E 112 21.86 12.99 22.53
N HIS E 113 22.14 13.42 21.30
CA HIS E 113 21.33 12.98 20.17
C HIS E 113 21.44 11.48 19.98
N LEU E 114 22.65 10.92 20.13
CA LEU E 114 22.80 9.47 20.06
C LEU E 114 21.96 8.79 21.13
N SER E 115 22.02 9.30 22.36
CA SER E 115 21.26 8.68 23.45
C SER E 115 19.76 8.74 23.19
N PHE E 116 19.28 9.88 22.66
CA PHE E 116 17.85 10.01 22.41
C PHE E 116 17.41 9.13 21.25
N ILE E 117 18.25 8.97 20.24
CA ILE E 117 17.95 8.02 19.17
C ILE E 117 17.85 6.60 19.75
N SER E 118 18.74 6.28 20.69
CA SER E 118 18.68 4.98 21.34
C SER E 118 17.37 4.80 22.10
N ILE E 119 16.94 5.83 22.82
CA ILE E 119 15.69 5.75 23.57
C ILE E 119 14.50 5.58 22.64
N ASP E 120 14.51 6.32 21.53
CA ASP E 120 13.44 6.19 20.54
C ASP E 120 13.39 4.77 19.98
N ARG E 121 14.57 4.20 19.69
CA ARG E 121 14.61 2.82 19.21
C ARG E 121 14.09 1.85 20.26
N TYR E 122 14.43 2.10 21.53
CA TYR E 122 13.95 1.24 22.60
C TYR E 122 12.43 1.27 22.68
N TYR E 123 11.84 2.46 22.55
CA TYR E 123 10.39 2.54 22.58
C TYR E 123 9.77 1.90 21.34
N ALA E 124 10.44 1.99 20.20
CA ALA E 124 9.93 1.37 18.99
C ALA E 124 9.91 -0.15 19.11
N VAL E 125 10.93 -0.72 19.75
CA VAL E 125 11.08 -2.18 19.78
C VAL E 125 10.35 -2.79 20.98
N CYS E 126 10.38 -2.15 22.14
CA CYS E 126 9.82 -2.73 23.35
C CYS E 126 8.43 -2.23 23.68
N ASP E 127 7.92 -1.24 22.97
CA ASP E 127 6.54 -0.77 23.10
C ASP E 127 5.95 -0.60 21.70
N PRO E 128 5.83 -1.69 20.95
CA PRO E 128 5.40 -1.55 19.55
C PRO E 128 4.02 -0.93 19.39
N LEU E 129 3.09 -1.25 20.28
CA LEU E 129 1.70 -0.83 20.09
C LEU E 129 1.51 0.66 20.37
N ARG E 130 2.14 1.17 21.41
CA ARG E 130 1.99 2.57 21.80
C ARG E 130 3.12 3.45 21.29
N TYR E 131 3.97 2.94 20.41
CA TYR E 131 5.13 3.70 19.96
C TYR E 131 4.71 4.96 19.22
N LYS E 132 3.82 4.81 18.23
CA LYS E 132 3.45 5.96 17.41
C LYS E 132 2.76 7.04 18.24
N ALA E 133 2.02 6.65 19.28
CA ALA E 133 1.37 7.62 20.15
C ALA E 133 2.37 8.27 21.09
N LYS E 134 3.37 7.52 21.56
CA LYS E 134 4.31 8.04 22.54
C LYS E 134 5.39 8.88 21.86
N MET E 135 6.09 8.30 20.89
CA MET E 135 7.17 9.01 20.19
C MET E 135 6.59 9.85 19.05
N ASN E 136 5.87 10.90 19.44
CA ASN E 136 5.27 11.81 18.48
C ASN E 136 6.19 13.02 18.28
N ILE E 137 5.75 13.97 17.46
CA ILE E 137 6.60 15.10 17.10
C ILE E 137 6.89 15.97 18.31
N LEU E 138 5.91 16.12 19.21
CA LEU E 138 6.11 16.98 20.37
C LEU E 138 7.26 16.48 21.25
N VAL E 139 7.24 15.18 21.58
CA VAL E 139 8.28 14.63 22.45
C VAL E 139 9.64 14.67 21.76
N ILE E 140 9.66 14.45 20.44
CA ILE E 140 10.92 14.50 19.71
C ILE E 140 11.48 15.92 19.71
N CYS E 141 10.59 16.91 19.57
CA CYS E 141 11.03 18.29 19.65
C CYS E 141 11.56 18.62 21.04
N VAL E 142 10.93 18.06 22.08
CA VAL E 142 11.44 18.26 23.44
C VAL E 142 12.83 17.65 23.58
N MET E 143 13.01 16.46 23.01
CA MET E 143 14.33 15.82 23.03
C MET E 143 15.37 16.67 22.33
N ILE E 144 15.02 17.21 21.16
CA ILE E 144 15.95 18.06 20.42
C ILE E 144 16.29 19.30 21.22
N PHE E 145 15.28 19.91 21.84
CA PHE E 145 15.52 21.11 22.64
C PHE E 145 16.45 20.81 23.80
N ILE E 146 16.23 19.69 24.49
CA ILE E 146 17.11 19.32 25.60
C ILE E 146 18.53 19.11 25.11
N SER E 147 18.69 18.35 24.02
CA SER E 147 20.02 18.02 23.54
C SER E 147 20.75 19.25 23.02
N TRP E 148 20.01 20.28 22.60
CA TRP E 148 20.66 21.51 22.15
C TRP E 148 20.93 22.47 23.30
N SER E 149 20.11 22.42 24.35
CA SER E 149 20.17 23.46 25.38
C SER E 149 21.04 23.04 26.56
N VAL E 150 20.82 21.84 27.10
CA VAL E 150 21.55 21.42 28.30
C VAL E 150 23.05 21.46 28.00
N PRO E 151 23.51 20.92 26.87
CA PRO E 151 24.93 21.09 26.52
C PRO E 151 25.36 22.54 26.43
N ALA E 152 24.54 23.41 25.85
CA ALA E 152 24.92 24.80 25.69
C ALA E 152 25.09 25.47 27.05
N VAL E 153 24.08 25.37 27.91
CA VAL E 153 24.17 25.96 29.23
C VAL E 153 25.37 25.41 29.98
N PHE E 154 25.50 24.08 30.02
CA PHE E 154 26.59 23.47 30.76
C PHE E 154 27.95 23.97 30.26
N ALA E 155 28.19 23.86 28.95
CA ALA E 155 29.50 24.19 28.40
C ALA E 155 29.82 25.66 28.60
N PHE E 156 28.93 26.55 28.19
CA PHE E 156 29.23 27.98 28.27
C PHE E 156 29.35 28.44 29.71
N GLY E 157 28.48 27.97 30.60
CA GLY E 157 28.60 28.33 31.99
C GLY E 157 29.92 27.88 32.58
N MET E 158 30.32 26.64 32.29
CA MET E 158 31.58 26.14 32.83
C MET E 158 32.76 26.94 32.29
N ILE E 159 32.79 27.19 30.99
CA ILE E 159 33.97 27.78 30.36
C ILE E 159 34.09 29.26 30.72
N PHE E 160 33.00 30.01 30.56
CA PHE E 160 33.09 31.46 30.72
C PHE E 160 33.15 31.88 32.18
N LEU E 161 32.48 31.14 33.08
CA LEU E 161 32.60 31.44 34.50
C LEU E 161 33.90 30.94 35.10
N GLU E 162 34.67 30.15 34.35
CA GLU E 162 36.00 29.69 34.74
C GLU E 162 35.98 28.79 35.96
N LEU E 163 34.84 28.17 36.28
CA LEU E 163 34.79 27.29 37.44
C LEU E 163 35.22 25.87 37.11
N ASN E 164 35.54 25.58 35.85
CA ASN E 164 36.09 24.26 35.51
C ASN E 164 37.46 24.08 36.14
N PHE E 165 38.29 25.13 36.13
CA PHE E 165 39.64 25.08 36.69
C PHE E 165 39.72 25.70 38.08
N LYS E 166 38.58 25.91 38.75
CA LYS E 166 38.60 26.46 40.09
C LYS E 166 39.44 25.57 41.00
N GLY E 167 40.35 26.19 41.76
CA GLY E 167 41.28 25.45 42.57
C GLY E 167 42.47 24.89 41.83
N ALA E 168 42.58 25.17 40.54
CA ALA E 168 43.71 24.71 39.74
C ALA E 168 44.23 25.80 38.81
N GLU E 169 44.24 27.06 39.26
CA GLU E 169 44.61 28.16 38.38
C GLU E 169 46.03 28.00 37.85
N GLU E 170 47.00 27.77 38.74
CA GLU E 170 48.38 27.64 38.30
C GLU E 170 48.56 26.43 37.39
N ILE E 171 47.94 25.30 37.72
CA ILE E 171 48.04 24.13 36.86
C ILE E 171 47.37 24.40 35.52
N TYR E 172 46.23 25.08 35.52
CA TYR E 172 45.56 25.42 34.28
C TYR E 172 46.45 26.27 33.39
N TYR E 173 47.08 27.29 33.97
CA TYR E 173 47.93 28.17 33.18
C TYR E 173 49.17 27.42 32.68
N LYS E 174 49.75 26.55 33.51
CA LYS E 174 50.91 25.77 33.06
C LYS E 174 50.54 24.87 31.89
N HIS E 175 49.40 24.19 31.99
CA HIS E 175 48.95 23.33 30.90
C HIS E 175 48.65 24.14 29.64
N VAL E 176 48.04 25.32 29.81
CA VAL E 176 47.74 26.17 28.67
C VAL E 176 49.02 26.60 27.97
N HIS E 177 50.03 27.02 28.74
CA HIS E 177 51.31 27.40 28.15
C HIS E 177 51.95 26.21 27.44
N CYS E 178 51.94 25.04 28.08
CA CYS E 178 52.52 23.86 27.46
C CYS E 178 51.73 23.43 26.23
N ARG E 179 50.40 23.53 26.30
CA ARG E 179 49.54 23.08 25.20
C ARG E 179 49.68 23.95 23.96
N GLY E 180 50.34 25.10 24.04
CA GLY E 180 50.51 25.95 22.88
C GLY E 180 49.70 27.21 22.88
N GLY E 181 49.00 27.51 23.97
CA GLY E 181 48.24 28.74 24.05
C GLY E 181 46.90 28.59 24.74
N CYS E 182 46.26 27.42 24.59
CA CYS E 182 45.04 27.13 25.34
C CYS E 182 44.58 25.71 25.02
N SER E 183 43.84 25.12 25.96
CA SER E 183 43.46 23.72 25.86
C SER E 183 42.15 23.49 26.61
N VAL E 184 41.65 22.25 26.53
CA VAL E 184 40.48 21.83 27.26
C VAL E 184 40.90 21.30 28.61
N PHE E 185 40.76 22.12 29.66
CA PHE E 185 41.27 21.80 30.97
C PHE E 185 40.15 21.65 31.98
N PHE E 186 40.24 20.60 32.80
CA PHE E 186 39.27 20.35 33.87
C PHE E 186 40.00 20.05 35.16
N SER E 187 39.35 20.39 36.27
CA SER E 187 39.82 19.99 37.59
C SER E 187 39.29 18.60 37.92
N LYS E 188 39.60 18.12 39.12
CA LYS E 188 39.12 16.80 39.53
C LYS E 188 37.60 16.77 39.60
N ILE E 189 37.01 17.71 40.34
CA ILE E 189 35.56 17.74 40.47
C ILE E 189 34.91 18.08 39.13
N SER E 190 35.46 19.07 38.43
CA SER E 190 34.91 19.44 37.13
C SER E 190 35.08 18.31 36.13
N GLY E 191 36.22 17.63 36.16
CA GLY E 191 36.43 16.50 35.27
C GLY E 191 35.42 15.39 35.50
N VAL E 192 35.21 15.03 36.78
CA VAL E 192 34.25 13.99 37.09
C VAL E 192 32.84 14.41 36.67
N LEU E 193 32.49 15.68 36.94
CA LEU E 193 31.16 16.17 36.60
C LEU E 193 30.93 16.12 35.10
N THR E 194 31.90 16.58 34.31
CA THR E 194 31.72 16.58 32.86
C THR E 194 31.73 15.16 32.30
N PHE E 195 32.50 14.27 32.93
CA PHE E 195 32.48 12.86 32.51
C PHE E 195 31.10 12.25 32.77
N MET E 196 30.50 12.57 33.92
CA MET E 196 29.18 12.04 34.24
C MET E 196 28.10 12.64 33.35
N THR E 197 28.25 13.93 33.00
CA THR E 197 27.22 14.61 32.23
C THR E 197 27.31 14.26 30.75
N SER E 198 28.43 14.58 30.10
CA SER E 198 28.51 14.50 28.65
C SER E 198 28.58 13.06 28.14
N PHE E 199 29.24 12.16 28.88
CA PHE E 199 29.54 10.85 28.33
C PHE E 199 28.90 9.70 29.10
N TYR E 200 29.06 9.67 30.42
CA TYR E 200 28.73 8.46 31.17
C TYR E 200 27.23 8.18 31.13
N ILE E 201 26.41 9.18 31.44
CA ILE E 201 24.97 8.94 31.52
C ILE E 201 24.37 8.63 30.16
N PRO E 202 24.55 9.46 29.12
CA PRO E 202 24.03 9.08 27.80
C PRO E 202 24.60 7.76 27.30
N GLY E 203 25.89 7.52 27.53
CA GLY E 203 26.49 6.28 27.08
C GLY E 203 25.90 5.06 27.76
N SER E 204 25.69 5.15 29.08
CA SER E 204 25.10 4.03 29.81
C SER E 204 23.66 3.78 29.35
N ILE E 205 22.89 4.86 29.17
CA ILE E 205 21.53 4.69 28.68
C ILE E 205 21.53 3.99 27.33
N MET E 206 22.39 4.47 26.42
CA MET E 206 22.46 3.90 25.08
C MET E 206 22.87 2.43 25.13
N LEU E 207 23.88 2.09 25.94
CA LEU E 207 24.35 0.73 26.03
C LEU E 207 23.27 -0.19 26.58
N CYS E 208 22.58 0.25 27.64
CA CYS E 208 21.54 -0.59 28.24
C CYS E 208 20.40 -0.82 27.27
N VAL E 209 19.91 0.23 26.62
CA VAL E 209 18.78 0.07 25.72
C VAL E 209 19.18 -0.81 24.53
N TYR E 210 20.40 -0.66 24.03
CA TYR E 210 20.81 -1.47 22.89
C TYR E 210 21.06 -2.91 23.29
N TYR E 211 21.50 -3.17 24.53
CA TYR E 211 21.60 -4.55 25.00
C TYR E 211 20.23 -5.20 25.08
N ARG E 212 19.24 -4.46 25.59
CA ARG E 212 17.88 -5.00 25.62
C ARG E 212 17.37 -5.28 24.21
N ILE E 213 17.61 -4.35 23.29
CA ILE E 213 17.17 -4.54 21.91
C ILE E 213 17.88 -5.75 21.30
N TYR E 214 19.16 -5.94 21.63
CA TYR E 214 19.89 -7.09 21.12
C TYR E 214 19.26 -8.39 21.61
N LEU E 215 18.93 -8.45 22.90
CA LEU E 215 18.30 -9.66 23.42
C LEU E 215 16.96 -9.93 22.74
N ILE E 216 16.16 -8.89 22.57
CA ILE E 216 14.86 -9.06 21.92
C ILE E 216 15.03 -9.53 20.49
N ALA E 217 15.97 -8.92 19.76
CA ALA E 217 16.18 -9.29 18.36
C ALA E 217 16.66 -10.74 18.26
N LYS E 218 17.56 -11.15 19.16
CA LYS E 218 18.04 -12.53 19.14
C LYS E 218 16.89 -13.50 19.41
N GLU E 219 16.04 -13.19 20.38
CA GLU E 219 14.92 -14.06 20.68
C GLU E 219 13.98 -14.18 19.47
N GLN E 220 13.65 -13.04 18.86
CA GLN E 220 12.75 -13.06 17.71
C GLN E 220 13.36 -13.84 16.54
N ALA E 221 14.66 -13.64 16.29
CA ALA E 221 15.31 -14.36 15.20
C ALA E 221 15.30 -15.86 15.46
N ARG E 222 15.58 -16.26 16.70
CA ARG E 222 15.55 -17.68 17.02
C ARG E 222 14.15 -18.25 16.82
N LEU E 223 13.13 -17.52 17.25
CA LEU E 223 11.76 -18.00 17.08
C LEU E 223 11.42 -18.18 15.60
N ILE E 224 11.77 -17.19 14.78
CA ILE E 224 11.46 -17.27 13.35
C ILE E 224 12.22 -18.43 12.71
N SER E 225 13.49 -18.59 13.09
CA SER E 225 14.29 -19.67 12.53
C SER E 225 13.70 -21.04 12.88
N ASP E 226 13.30 -21.20 14.15
CA ASP E 226 12.68 -22.46 14.55
C ASP E 226 11.39 -22.71 13.80
N ALA E 227 10.56 -21.67 13.64
CA ALA E 227 9.30 -21.83 12.94
C ALA E 227 9.54 -22.25 11.49
N ASN E 228 10.53 -21.63 10.83
CA ASN E 228 10.79 -21.95 9.43
C ASN E 228 11.54 -23.27 9.27
N GLN E 229 12.18 -23.77 10.33
CA GLN E 229 12.88 -25.04 10.27
C GLN E 229 11.94 -26.22 10.54
N LYS E 230 10.95 -26.02 11.41
CA LYS E 230 10.04 -27.12 11.74
C LYS E 230 9.31 -27.63 10.51
N LEU E 231 9.18 -26.81 9.47
CA LEU E 231 8.55 -27.20 8.22
C LEU E 231 9.48 -26.89 7.06
N GLN E 232 9.32 -27.65 5.98
CA GLN E 232 10.19 -27.53 4.80
C GLN E 232 11.66 -27.50 5.21
N GLU E 246 21.06 -14.84 9.81
CA GLU E 246 22.09 -13.96 9.28
C GLU E 246 22.77 -13.16 10.39
N ARG E 247 22.19 -13.19 11.59
CA ARG E 247 22.72 -12.46 12.74
C ARG E 247 22.86 -10.97 12.41
N LYS E 248 21.75 -10.41 11.90
CA LYS E 248 21.76 -9.00 11.53
C LYS E 248 21.85 -8.09 12.76
N ALA E 249 21.18 -8.48 13.85
CA ALA E 249 21.21 -7.67 15.06
C ALA E 249 22.63 -7.51 15.57
N VAL E 250 23.38 -8.61 15.58
CA VAL E 250 24.76 -8.54 16.08
C VAL E 250 25.55 -7.52 15.27
N LYS E 251 25.50 -7.64 13.94
CA LYS E 251 26.27 -6.73 13.10
C LYS E 251 25.85 -5.28 13.31
N THR E 252 24.54 -5.01 13.24
CA THR E 252 24.06 -3.64 13.31
C THR E 252 24.40 -3.01 14.66
N LEU E 253 24.04 -3.67 15.75
CA LEU E 253 24.29 -3.10 17.06
C LEU E 253 25.78 -3.04 17.36
N GLY E 254 26.55 -4.01 16.84
CA GLY E 254 27.99 -3.94 17.02
C GLY E 254 28.58 -2.72 16.35
N ILE E 255 28.18 -2.44 15.12
CA ILE E 255 28.64 -1.21 14.46
C ILE E 255 28.24 0.00 15.28
N VAL E 256 26.96 0.07 15.65
CA VAL E 256 26.44 1.27 16.31
C VAL E 256 27.19 1.55 17.61
N MET E 257 27.34 0.52 18.45
CA MET E 257 27.98 0.72 19.75
C MET E 257 29.50 0.84 19.62
N GLY E 258 30.10 0.09 18.70
CA GLY E 258 31.55 0.13 18.57
C GLY E 258 32.06 1.45 18.05
N VAL E 259 31.36 2.05 17.09
CA VAL E 259 31.79 3.37 16.62
C VAL E 259 31.82 4.35 17.79
N PHE E 260 30.73 4.40 18.56
CA PHE E 260 30.64 5.33 19.67
C PHE E 260 31.74 5.05 20.70
N LEU E 261 31.90 3.79 21.09
CA LEU E 261 32.87 3.45 22.11
C LEU E 261 34.28 3.78 21.66
N ILE E 262 34.67 3.30 20.47
CA ILE E 262 36.01 3.55 19.97
C ILE E 262 36.29 5.03 19.90
N CYS E 263 35.30 5.81 19.45
CA CYS E 263 35.53 7.23 19.24
C CYS E 263 35.65 7.99 20.56
N TRP E 264 34.75 7.73 21.52
CA TRP E 264 34.67 8.57 22.70
C TRP E 264 35.28 7.97 23.96
N CYS E 265 35.07 6.68 24.21
CA CYS E 265 35.48 6.10 25.49
C CYS E 265 36.94 6.38 25.83
N PRO E 266 37.91 6.23 24.92
CA PRO E 266 39.30 6.51 25.32
C PRO E 266 39.50 7.94 25.80
N PHE E 267 38.99 8.92 25.05
CA PHE E 267 39.18 10.31 25.45
C PHE E 267 38.60 10.59 26.82
N PHE E 268 37.35 10.22 27.04
CA PHE E 268 36.70 10.54 28.30
C PHE E 268 37.34 9.79 29.46
N ILE E 269 37.68 8.52 29.26
CA ILE E 269 38.31 7.74 30.32
C ILE E 269 39.63 8.36 30.72
N CYS E 270 40.49 8.64 29.74
CA CYS E 270 41.79 9.22 30.05
C CYS E 270 41.63 10.60 30.68
N THR E 271 40.67 11.40 30.19
CA THR E 271 40.48 12.74 30.72
C THR E 271 40.04 12.69 32.18
N VAL E 272 39.08 11.82 32.50
CA VAL E 272 38.62 11.74 33.88
C VAL E 272 39.70 11.17 34.78
N MET E 273 40.55 10.28 34.26
CA MET E 273 41.64 9.75 35.08
C MET E 273 42.79 10.74 35.22
N ASP E 274 42.92 11.68 34.29
CA ASP E 274 44.08 12.56 34.25
C ASP E 274 44.25 13.42 35.49
N PRO E 275 43.26 14.18 35.95
CA PRO E 275 43.50 15.05 37.12
C PRO E 275 43.91 14.28 38.36
N PHE E 276 43.41 13.06 38.55
CA PHE E 276 43.90 12.20 39.62
C PHE E 276 45.32 11.72 39.34
N LEU E 277 45.66 11.50 38.07
CA LEU E 277 47.03 11.20 37.70
C LEU E 277 47.92 12.43 37.69
N HIS E 278 47.37 13.61 37.93
CA HIS E 278 48.11 14.86 37.96
C HIS E 278 48.66 15.21 36.57
N TYR E 279 47.77 15.15 35.59
CA TYR E 279 47.99 15.74 34.27
C TYR E 279 49.26 15.20 33.61
N ILE E 280 49.24 13.89 33.31
CA ILE E 280 50.39 13.27 32.66
C ILE E 280 50.20 13.11 31.15
N ILE E 281 49.00 13.33 30.63
CA ILE E 281 48.73 13.16 29.21
C ILE E 281 49.50 14.22 28.44
N PRO E 282 50.41 13.86 27.54
CA PRO E 282 51.20 14.87 26.83
C PRO E 282 50.54 15.25 25.51
N PRO E 283 50.87 16.42 24.96
CA PRO E 283 50.38 16.78 23.62
C PRO E 283 50.52 15.65 22.61
N THR E 284 49.72 15.79 21.55
CA THR E 284 49.60 14.85 20.45
C THR E 284 48.79 13.62 20.85
N LEU E 285 48.69 13.34 22.15
CA LEU E 285 47.82 12.27 22.61
C LEU E 285 46.41 12.80 22.78
N ASN E 286 46.28 13.95 23.44
CA ASN E 286 45.01 14.68 23.41
C ASN E 286 44.60 14.96 21.98
N ASP E 287 45.56 15.19 21.08
CA ASP E 287 45.23 15.47 19.68
C ASP E 287 44.59 14.24 19.04
N VAL E 288 45.24 13.08 19.13
CA VAL E 288 44.65 11.89 18.53
C VAL E 288 43.30 11.58 19.16
N LEU E 289 43.15 11.81 20.47
CA LEU E 289 41.90 11.47 21.14
C LEU E 289 40.77 12.39 20.70
N ILE E 290 41.01 13.71 20.70
CA ILE E 290 39.96 14.62 20.27
C ILE E 290 39.66 14.44 18.79
N TRP E 291 40.64 13.98 18.01
CA TRP E 291 40.35 13.70 16.60
C TRP E 291 39.56 12.41 16.44
N PHE E 292 39.71 11.45 17.34
CA PHE E 292 38.76 10.34 17.39
C PHE E 292 37.36 10.86 17.70
N GLY E 293 37.26 11.78 18.65
CA GLY E 293 35.97 12.38 18.96
C GLY E 293 35.35 13.03 17.73
N TYR E 294 36.16 13.76 16.96
CA TYR E 294 35.66 14.36 15.73
C TYR E 294 35.31 13.30 14.70
N LEU E 295 36.08 12.22 14.64
CA LEU E 295 35.76 11.12 13.75
C LEU E 295 34.40 10.51 14.08
N ASN E 296 33.97 10.60 15.34
CA ASN E 296 32.61 10.16 15.65
C ASN E 296 31.58 10.95 14.86
N SER E 297 31.72 12.28 14.84
CA SER E 297 30.83 13.10 14.03
C SER E 297 31.00 12.82 12.56
N THR E 298 32.21 12.46 12.15
CA THR E 298 32.43 12.04 10.76
C THR E 298 31.61 10.81 10.42
N PHE E 299 31.57 9.84 11.33
CA PHE E 299 30.95 8.54 11.06
C PHE E 299 29.45 8.52 11.32
N ASN E 300 28.94 9.43 12.16
CA ASN E 300 27.52 9.36 12.56
C ASN E 300 26.58 9.27 11.37
N PRO E 301 26.71 10.09 10.33
CA PRO E 301 25.82 9.92 9.17
C PRO E 301 25.88 8.52 8.58
N MET E 302 27.07 7.93 8.52
CA MET E 302 27.21 6.59 7.96
C MET E 302 26.49 5.56 8.82
N VAL E 303 26.65 5.65 10.14
CA VAL E 303 26.05 4.66 11.04
C VAL E 303 24.53 4.79 11.05
N TYR E 304 24.02 6.02 11.10
CA TYR E 304 22.62 6.25 11.38
C TYR E 304 21.77 6.58 10.16
N ALA E 305 22.38 7.06 9.07
CA ALA E 305 21.63 7.43 7.88
C ALA E 305 21.96 6.53 6.70
N PHE E 306 23.24 6.44 6.30
CA PHE E 306 23.58 5.66 5.12
C PHE E 306 23.49 4.16 5.36
N PHE E 307 23.53 3.73 6.62
CA PHE E 307 23.52 2.30 6.90
C PHE E 307 22.19 1.65 6.56
N TYR E 308 21.10 2.44 6.52
CA TYR E 308 19.77 1.86 6.38
C TYR E 308 19.25 2.02 4.96
N PRO E 309 18.68 0.96 4.37
CA PRO E 309 18.31 1.03 2.95
C PRO E 309 17.30 2.11 2.61
N TRP E 310 16.41 2.48 3.53
CA TRP E 310 15.40 3.47 3.20
C TRP E 310 16.03 4.83 2.89
N PHE E 311 17.02 5.23 3.68
CA PHE E 311 17.70 6.51 3.42
C PHE E 311 18.43 6.47 2.08
N ARG E 312 19.08 5.35 1.77
CA ARG E 312 19.75 5.22 0.50
C ARG E 312 18.76 5.30 -0.66
N LYS E 313 17.60 4.66 -0.51
CA LYS E 313 16.58 4.74 -1.55
C LYS E 313 16.11 6.17 -1.76
N ALA E 314 15.91 6.90 -0.66
CA ALA E 314 15.54 8.31 -0.79
C ALA E 314 16.65 9.11 -1.47
N LEU E 315 17.90 8.80 -1.16
CA LEU E 315 19.02 9.52 -1.78
C LEU E 315 19.08 9.24 -3.28
N LYS E 316 18.86 7.99 -3.69
CA LYS E 316 18.80 7.69 -5.11
C LYS E 316 17.62 8.39 -5.77
N MET E 317 16.47 8.44 -5.09
CA MET E 317 15.37 9.24 -5.61
C MET E 317 15.79 10.68 -5.84
N MET E 318 16.60 11.23 -4.92
CA MET E 318 17.18 12.55 -5.14
C MET E 318 18.09 12.57 -6.36
N LEU E 319 18.84 11.49 -6.58
CA LEU E 319 19.75 11.44 -7.72
C LEU E 319 19.00 11.57 -9.04
N PHE E 320 17.86 10.91 -9.16
CA PHE E 320 17.04 11.00 -10.36
C PHE E 320 15.67 11.56 -10.04
#